data_8RQH
#
_entry.id   8RQH
#
_cell.length_a   112.900
_cell.length_b   112.900
_cell.length_c   148.570
_cell.angle_alpha   90.000
_cell.angle_beta   90.000
_cell.angle_gamma   120.000
#
_symmetry.space_group_name_H-M   'P 31 2 1'
#
loop_
_entity.id
_entity.type
_entity.pdbx_description
1 polymer 'Tropone 2-monooxygenase'
2 non-polymer 'FLAVIN-ADENINE DINUCLEOTIDE'
3 non-polymer 'SULFATE ION'
4 non-polymer 'CHLORIDE ION'
5 water water
#
_entity_poly.entity_id   1
_entity_poly.type   'polypeptide(L)'
_entity_poly.pdbx_seq_one_letter_code
;MKHHHHHHPMSDYDIPTTENLYFQGAMARKRPYVAVVGGGIGGLAVALGLRRQGVEAVVHEQAHALSHQGAGIAIGANGH
RALRELGVAKRLTASAARPSRADFRHWRTGRSMVSHRLTGLYEERFGAPFWTVERAAVQQALLAELGPRHVRLGARCTGV
DRTADGAVIRFEDGGEAEADAVVGADGIHSAVRHSLFGPQEAVFSGTSGYRALVPMDRLRHVPELAEPVLWLWLGPGRHF
IAYPVADGSALNFLAVVPDRTWTVESWSTEGDAAELRAAFDGWHPFVTEVLGACERPGRWALYDREPQRVWSSGAVTLLG
DAAHAMLPHHGQGANQALEDAVVLAHFLARTDTGGVPSALRAYERLRRPRTRLLQAGSRKNAGCFQLPDGPQAEARNARL
ATLPDDVAWIHGHDILGSLPVATSPA
;
_entity_poly.pdbx_strand_id   A,B
#
# COMPACT_ATOMS: atom_id res chain seq x y z
N ARG A 29 -1.29 43.66 4.47
CA ARG A 29 -1.29 42.26 3.96
C ARG A 29 -2.63 41.58 4.25
N LYS A 30 -3.38 41.30 3.19
CA LYS A 30 -4.72 40.79 3.35
C LYS A 30 -4.61 39.29 3.65
N ARG A 31 -5.40 38.85 4.61
CA ARG A 31 -5.60 37.43 4.83
C ARG A 31 -6.61 36.94 3.80
N PRO A 32 -6.46 35.71 3.28
CA PRO A 32 -7.31 35.22 2.20
C PRO A 32 -8.75 34.94 2.62
N TYR A 33 -9.68 35.35 1.75
CA TYR A 33 -11.04 34.87 1.77
C TYR A 33 -11.03 33.52 1.03
N VAL A 34 -11.71 32.51 1.63
CA VAL A 34 -11.60 31.14 1.17
C VAL A 34 -12.97 30.62 0.75
N ALA A 35 -13.07 30.22 -0.53
CA ALA A 35 -14.26 29.54 -1.02
C ALA A 35 -14.05 28.02 -1.07
N VAL A 36 -14.98 27.31 -0.45
CA VAL A 36 -14.96 25.86 -0.32
C VAL A 36 -16.11 25.30 -1.14
N VAL A 37 -15.79 24.48 -2.14
CA VAL A 37 -16.79 23.78 -2.93
C VAL A 37 -17.07 22.44 -2.25
N GLY A 38 -18.29 22.28 -1.75
CA GLY A 38 -18.80 21.02 -1.21
C GLY A 38 -19.03 21.15 0.29
N GLY A 39 -20.22 20.70 0.74
CA GLY A 39 -20.63 20.79 2.13
C GLY A 39 -20.83 19.41 2.77
N GLY A 40 -19.96 18.46 2.38
CA GLY A 40 -19.85 17.19 3.07
C GLY A 40 -18.97 17.33 4.30
N ILE A 41 -18.58 16.21 4.91
CA ILE A 41 -17.76 16.28 6.11
C ILE A 41 -16.50 17.09 5.83
N GLY A 42 -15.87 16.88 4.68
CA GLY A 42 -14.60 17.52 4.41
C GLY A 42 -14.74 19.05 4.34
N GLY A 43 -15.71 19.50 3.55
CA GLY A 43 -15.91 20.92 3.29
C GLY A 43 -16.36 21.69 4.53
N LEU A 44 -17.36 21.16 5.26
CA LEU A 44 -17.79 21.73 6.51
C LEU A 44 -16.62 21.85 7.47
N ALA A 45 -15.89 20.76 7.64
CA ALA A 45 -14.82 20.71 8.63
C ALA A 45 -13.74 21.73 8.30
N VAL A 46 -13.40 21.91 7.03
CA VAL A 46 -12.30 22.82 6.73
C VAL A 46 -12.78 24.27 6.86
N ALA A 47 -14.05 24.51 6.51
CA ALA A 47 -14.62 25.84 6.64
C ALA A 47 -14.67 26.20 8.13
N LEU A 48 -15.17 25.26 8.92
CA LEU A 48 -15.29 25.44 10.36
C LEU A 48 -13.92 25.67 10.99
N GLY A 49 -12.90 25.01 10.43
CA GLY A 49 -11.56 25.02 11.00
C GLY A 49 -10.83 26.31 10.65
N LEU A 50 -11.06 26.78 9.43
CA LEU A 50 -10.57 28.07 8.98
C LEU A 50 -11.15 29.20 9.83
N ARG A 51 -12.48 29.16 10.07
CA ARG A 51 -13.15 30.25 10.77
C ARG A 51 -12.69 30.32 12.21
N ARG A 52 -12.58 29.15 12.84
CA ARG A 52 -12.06 29.03 14.20
C ARG A 52 -10.65 29.60 14.33
N GLN A 53 -9.90 29.72 13.24
CA GLN A 53 -8.58 30.31 13.28
C GLN A 53 -8.57 31.61 12.48
N GLY A 54 -9.72 32.29 12.46
CA GLY A 54 -9.83 33.67 12.05
C GLY A 54 -9.77 33.91 10.53
N VAL A 55 -10.02 32.88 9.71
CA VAL A 55 -10.12 33.05 8.27
C VAL A 55 -11.59 32.99 7.82
N GLU A 56 -12.00 33.92 6.94
CA GLU A 56 -13.36 33.91 6.40
C GLU A 56 -13.46 32.78 5.37
N ALA A 57 -14.34 31.82 5.66
CA ALA A 57 -14.54 30.72 4.74
C ALA A 57 -16.03 30.53 4.51
N VAL A 58 -16.36 30.21 3.25
CA VAL A 58 -17.75 30.03 2.87
C VAL A 58 -17.87 28.75 2.05
N VAL A 59 -18.95 27.99 2.31
CA VAL A 59 -19.19 26.74 1.61
C VAL A 59 -20.26 26.93 0.53
N HIS A 60 -19.96 26.45 -0.69
CA HIS A 60 -20.92 26.35 -1.78
C HIS A 60 -21.29 24.89 -2.02
N GLU A 61 -22.53 24.50 -1.66
CA GLU A 61 -23.01 23.13 -1.77
C GLU A 61 -24.10 23.00 -2.83
N GLN A 62 -24.00 21.99 -3.70
CA GLN A 62 -24.91 21.87 -4.84
C GLN A 62 -26.33 21.49 -4.43
N ALA A 63 -26.48 20.71 -3.36
CA ALA A 63 -27.79 20.23 -2.97
C ALA A 63 -28.65 21.39 -2.43
N HIS A 64 -29.98 21.22 -2.51
CA HIS A 64 -30.94 22.22 -2.06
C HIS A 64 -31.13 22.12 -0.55
N ALA A 65 -30.83 20.95 0.02
CA ALA A 65 -30.76 20.79 1.47
C ALA A 65 -29.92 19.56 1.80
N LEU A 66 -29.30 19.54 2.99
CA LEU A 66 -28.39 18.45 3.35
C LEU A 66 -29.23 17.23 3.75
N SER A 67 -28.82 16.05 3.26
CA SER A 67 -29.54 14.79 3.48
C SER A 67 -29.38 14.34 4.94
N HIS A 68 -30.36 13.54 5.40
CA HIS A 68 -30.30 12.86 6.69
C HIS A 68 -30.13 11.35 6.50
N GLN A 69 -29.80 10.91 5.28
CA GLN A 69 -29.50 9.51 4.99
C GLN A 69 -27.98 9.26 4.98
N GLY A 70 -27.57 8.06 4.54
CA GLY A 70 -26.16 7.76 4.33
C GLY A 70 -25.58 6.85 5.42
N ALA A 71 -26.40 6.50 6.41
CA ALA A 71 -26.06 5.39 7.29
C ALA A 71 -24.79 5.70 8.10
N GLY A 72 -23.93 4.69 8.32
CA GLY A 72 -22.99 4.70 9.41
C GLY A 72 -21.55 4.85 8.93
N ILE A 73 -20.74 5.47 9.80
CA ILE A 73 -19.30 5.48 9.70
C ILE A 73 -18.66 5.18 11.06
N ALA A 74 -17.39 4.74 10.98
CA ALA A 74 -16.54 4.49 12.13
C ALA A 74 -15.56 5.65 12.28
N ILE A 75 -15.52 6.25 13.49
CA ILE A 75 -14.54 7.29 13.81
C ILE A 75 -13.41 6.72 14.68
N GLY A 76 -12.21 6.68 14.11
CA GLY A 76 -11.04 6.26 14.87
C GLY A 76 -10.51 7.37 15.77
N ALA A 77 -9.58 7.02 16.65
CA ALA A 77 -8.99 8.00 17.55
C ALA A 77 -8.45 9.19 16.76
N ASN A 78 -7.85 8.90 15.59
CA ASN A 78 -7.19 9.91 14.79
C ASN A 78 -8.21 10.94 14.31
N GLY A 79 -9.39 10.47 13.92
CA GLY A 79 -10.47 11.35 13.53
C GLY A 79 -11.14 12.00 14.73
N HIS A 80 -11.26 11.24 15.82
CA HIS A 80 -11.83 11.81 17.05
C HIS A 80 -11.04 13.06 17.42
N ARG A 81 -9.71 12.98 17.33
CA ARG A 81 -8.84 14.08 17.69
C ARG A 81 -9.09 15.29 16.80
N ALA A 82 -9.40 15.05 15.52
CA ALA A 82 -9.70 16.14 14.60
C ALA A 82 -11.00 16.83 15.01
N LEU A 83 -11.99 16.05 15.46
CA LEU A 83 -13.28 16.57 15.87
C LEU A 83 -13.14 17.40 17.15
N ARG A 84 -12.26 16.97 18.07
CA ARG A 84 -11.96 17.73 19.28
C ARG A 84 -11.40 19.08 18.90
N GLU A 85 -10.36 19.07 18.06
CA GLU A 85 -9.74 20.26 17.54
C GLU A 85 -10.75 21.23 16.93
N LEU A 86 -11.80 20.71 16.28
CA LEU A 86 -12.77 21.53 15.56
C LEU A 86 -13.97 21.86 16.45
N GLY A 87 -14.02 21.26 17.63
CA GLY A 87 -14.95 21.62 18.68
C GLY A 87 -16.31 20.95 18.49
N VAL A 88 -16.35 19.77 17.85
CA VAL A 88 -17.63 19.11 17.56
C VAL A 88 -17.77 17.78 18.31
N ALA A 89 -16.72 17.32 19.00
CA ALA A 89 -16.76 16.00 19.60
C ALA A 89 -17.82 15.95 20.68
N LYS A 90 -17.90 17.03 21.49
CA LYS A 90 -18.85 17.08 22.60
C LYS A 90 -20.29 16.95 22.09
N ARG A 91 -20.62 17.57 20.95
CA ARG A 91 -21.98 17.46 20.41
C ARG A 91 -22.30 16.07 19.86
N LEU A 92 -21.29 15.21 19.65
CA LEU A 92 -21.51 13.91 19.02
C LEU A 92 -21.60 12.79 20.06
N THR A 93 -21.29 13.08 21.33
CA THR A 93 -21.26 12.09 22.40
C THR A 93 -22.58 11.33 22.50
N ALA A 94 -23.69 12.08 22.46
CA ALA A 94 -25.02 11.52 22.61
C ALA A 94 -25.28 10.47 21.52
N SER A 95 -25.14 10.84 20.24
CA SER A 95 -25.54 9.97 19.14
C SER A 95 -24.46 8.95 18.77
N ALA A 96 -23.24 9.12 19.27
CA ALA A 96 -22.22 8.11 19.05
C ALA A 96 -22.61 6.81 19.75
N ALA A 97 -21.88 5.75 19.40
CA ALA A 97 -21.99 4.45 20.03
C ALA A 97 -20.59 3.90 20.24
N ARG A 98 -20.40 3.05 21.27
CA ARG A 98 -19.07 2.67 21.70
C ARG A 98 -18.93 1.15 21.61
N PRO A 99 -18.56 0.60 20.44
CA PRO A 99 -18.40 -0.85 20.29
C PRO A 99 -17.39 -1.35 21.32
N SER A 100 -17.70 -2.46 22.00
CA SER A 100 -16.83 -2.95 23.07
C SER A 100 -15.63 -3.69 22.51
N ARG A 101 -15.76 -4.18 21.25
CA ARG A 101 -14.72 -4.95 20.60
C ARG A 101 -14.92 -4.97 19.08
N ALA A 102 -13.81 -5.26 18.39
CA ALA A 102 -13.80 -5.60 16.97
C ALA A 102 -13.72 -7.11 16.86
N ASP A 103 -14.75 -7.70 16.24
CA ASP A 103 -14.97 -9.13 16.24
C ASP A 103 -14.96 -9.59 14.78
N PHE A 104 -13.88 -10.27 14.39
CA PHE A 104 -13.78 -10.87 13.07
C PHE A 104 -14.36 -12.29 13.09
N ARG A 105 -15.43 -12.47 12.31
CA ARG A 105 -16.31 -13.63 12.39
C ARG A 105 -16.25 -14.45 11.11
N HIS A 106 -16.22 -15.78 11.26
CA HIS A 106 -16.27 -16.69 10.14
C HIS A 106 -17.65 -16.67 9.49
N TRP A 107 -17.63 -16.59 8.15
CA TRP A 107 -18.83 -16.36 7.35
C TRP A 107 -19.88 -17.44 7.58
N ARG A 108 -19.41 -18.69 7.77
CA ARG A 108 -20.29 -19.86 7.79
C ARG A 108 -20.60 -20.30 9.22
N THR A 109 -19.57 -20.40 10.07
CA THR A 109 -19.71 -21.04 11.35
C THR A 109 -20.10 -20.02 12.42
N GLY A 110 -19.85 -18.73 12.16
CA GLY A 110 -20.15 -17.72 13.16
C GLY A 110 -19.09 -17.70 14.28
N ARG A 111 -17.99 -18.45 14.14
CA ARG A 111 -16.98 -18.43 15.18
C ARG A 111 -16.20 -17.12 15.12
N SER A 112 -15.75 -16.66 16.28
CA SER A 112 -14.86 -15.52 16.38
C SER A 112 -13.45 -15.98 16.04
N MET A 113 -12.96 -15.60 14.85
CA MET A 113 -11.62 -15.97 14.42
C MET A 113 -10.60 -15.10 15.16
N VAL A 114 -10.91 -13.82 15.34
CA VAL A 114 -10.00 -12.89 16.01
C VAL A 114 -10.85 -11.81 16.64
N SER A 115 -10.43 -11.35 17.82
CA SER A 115 -11.17 -10.38 18.60
C SER A 115 -10.20 -9.44 19.32
N HIS A 116 -10.50 -8.15 19.32
CA HIS A 116 -9.70 -7.16 20.02
C HIS A 116 -10.64 -6.26 20.82
N ARG A 117 -10.36 -6.15 22.13
CA ARG A 117 -11.17 -5.34 23.03
C ARG A 117 -10.91 -3.88 22.72
N LEU A 118 -11.97 -3.07 22.64
CA LEU A 118 -11.84 -1.64 22.43
C LEU A 118 -12.08 -0.85 23.72
N THR A 119 -13.13 -1.19 24.49
CA THR A 119 -13.41 -0.62 25.80
C THR A 119 -12.12 -0.44 26.60
N GLY A 120 -11.71 0.83 26.78
CA GLY A 120 -10.55 1.10 27.62
C GLY A 120 -9.21 0.99 26.88
N LEU A 121 -8.82 -0.22 26.43
CA LEU A 121 -7.54 -0.44 25.77
C LEU A 121 -7.32 0.46 24.56
N TYR A 122 -8.33 0.61 23.71
CA TYR A 122 -8.20 1.40 22.49
C TYR A 122 -7.92 2.85 22.87
N GLU A 123 -8.73 3.43 23.78
CA GLU A 123 -8.52 4.81 24.20
C GLU A 123 -7.17 4.98 24.89
N GLU A 124 -6.77 4.04 25.76
CA GLU A 124 -5.51 4.17 26.48
C GLU A 124 -4.39 4.21 25.45
N ARG A 125 -4.44 3.29 24.48
CA ARG A 125 -3.34 3.14 23.54
C ARG A 125 -3.24 4.32 22.57
N PHE A 126 -4.35 4.84 22.05
CA PHE A 126 -4.30 5.73 20.90
C PHE A 126 -4.74 7.15 21.24
N GLY A 127 -5.28 7.39 22.43
CA GLY A 127 -5.49 8.74 22.93
C GLY A 127 -6.91 9.26 22.75
N ALA A 128 -7.82 8.40 22.28
CA ALA A 128 -9.20 8.79 22.08
C ALA A 128 -10.04 7.55 21.79
N PRO A 129 -11.36 7.62 21.98
CA PRO A 129 -12.20 6.43 21.87
C PRO A 129 -12.50 6.08 20.41
N PHE A 130 -12.94 4.84 20.20
CA PHE A 130 -13.48 4.37 18.93
C PHE A 130 -15.01 4.50 18.92
N TRP A 131 -15.53 5.38 18.05
CA TRP A 131 -16.96 5.64 17.96
C TRP A 131 -17.54 5.14 16.64
N THR A 132 -18.82 4.72 16.68
CA THR A 132 -19.58 4.47 15.47
C THR A 132 -20.84 5.31 15.51
N VAL A 133 -21.15 5.94 14.38
CA VAL A 133 -22.07 7.05 14.36
C VAL A 133 -22.64 7.22 12.96
N GLU A 134 -23.83 7.82 12.88
CA GLU A 134 -24.41 8.16 11.59
C GLU A 134 -23.57 9.24 10.91
N ARG A 135 -23.39 9.13 9.58
CA ARG A 135 -22.69 10.12 8.77
C ARG A 135 -23.39 11.47 8.99
N ALA A 136 -24.72 11.43 8.94
CA ALA A 136 -25.52 12.63 8.97
C ALA A 136 -25.33 13.36 10.30
N ALA A 137 -25.21 12.60 11.39
CA ALA A 137 -24.99 13.19 12.69
C ALA A 137 -23.70 14.01 12.67
N VAL A 138 -22.64 13.44 12.06
CA VAL A 138 -21.36 14.14 12.04
C VAL A 138 -21.52 15.39 11.20
N GLN A 139 -22.23 15.25 10.08
CA GLN A 139 -22.47 16.36 9.17
C GLN A 139 -23.24 17.47 9.89
N GLN A 140 -24.29 17.11 10.66
CA GLN A 140 -25.16 18.05 11.34
C GLN A 140 -24.41 18.81 12.45
N ALA A 141 -23.53 18.09 13.18
CA ALA A 141 -22.77 18.71 14.25
C ALA A 141 -21.78 19.74 13.68
N LEU A 142 -21.13 19.39 12.57
CA LEU A 142 -20.24 20.31 11.87
C LEU A 142 -21.03 21.51 11.36
N LEU A 143 -22.23 21.30 10.81
CA LEU A 143 -23.00 22.38 10.21
C LEU A 143 -23.37 23.40 11.30
N ALA A 144 -23.84 22.88 12.45
CA ALA A 144 -24.28 23.70 13.56
C ALA A 144 -23.12 24.58 14.08
N GLU A 145 -21.95 23.97 14.34
CA GLU A 145 -20.82 24.67 14.92
C GLU A 145 -20.26 25.72 13.95
N LEU A 146 -20.33 25.43 12.65
CA LEU A 146 -19.88 26.39 11.67
C LEU A 146 -20.86 27.56 11.60
N GLY A 147 -22.16 27.20 11.53
CA GLY A 147 -23.27 28.11 11.36
C GLY A 147 -23.87 27.99 9.95
N PRO A 148 -25.17 27.65 9.79
CA PRO A 148 -25.76 27.45 8.46
C PRO A 148 -25.66 28.64 7.51
N ARG A 149 -25.51 29.85 8.07
CA ARG A 149 -25.41 31.03 7.25
C ARG A 149 -24.11 31.02 6.44
N HIS A 150 -23.14 30.15 6.79
CA HIS A 150 -21.90 30.13 6.02
C HIS A 150 -21.95 29.13 4.87
N VAL A 151 -23.15 28.57 4.61
CA VAL A 151 -23.34 27.56 3.58
C VAL A 151 -24.37 28.04 2.57
N ARG A 152 -23.89 28.29 1.34
CA ARG A 152 -24.73 28.55 0.19
C ARG A 152 -25.25 27.23 -0.39
N LEU A 153 -26.52 26.89 -0.12
CA LEU A 153 -27.19 25.77 -0.78
C LEU A 153 -27.54 26.14 -2.23
N GLY A 154 -27.82 25.12 -3.07
CA GLY A 154 -28.17 25.32 -4.47
C GLY A 154 -27.04 25.79 -5.38
N ALA A 155 -25.78 25.77 -4.90
CA ALA A 155 -24.67 26.26 -5.71
C ALA A 155 -23.85 25.10 -6.25
N ARG A 156 -24.13 24.68 -7.49
CA ARG A 156 -23.40 23.59 -8.13
C ARG A 156 -22.21 24.14 -8.93
N CYS A 157 -20.98 23.87 -8.46
CA CYS A 157 -19.78 24.27 -9.19
C CYS A 157 -19.63 23.45 -10.48
N THR A 158 -19.27 24.14 -11.56
CA THR A 158 -19.05 23.48 -12.85
C THR A 158 -17.61 23.68 -13.27
N GLY A 159 -16.86 24.50 -12.53
CA GLY A 159 -15.53 24.82 -12.98
C GLY A 159 -14.81 25.77 -12.05
N VAL A 160 -13.49 25.88 -12.29
CA VAL A 160 -12.65 26.81 -11.58
C VAL A 160 -11.59 27.28 -12.55
N ASP A 161 -11.40 28.59 -12.62
CA ASP A 161 -10.33 29.17 -13.40
C ASP A 161 -9.46 29.92 -12.40
N ARG A 162 -8.15 29.75 -12.55
CA ARG A 162 -7.19 30.53 -11.80
C ARG A 162 -7.15 31.95 -12.34
N THR A 163 -7.12 32.94 -11.45
CA THR A 163 -6.80 34.31 -11.83
C THR A 163 -5.35 34.57 -11.45
N ALA A 164 -4.95 35.85 -11.37
CA ALA A 164 -3.57 36.20 -11.07
C ALA A 164 -3.32 36.24 -9.57
N ASP A 165 -4.36 36.62 -8.80
CA ASP A 165 -4.25 36.84 -7.37
C ASP A 165 -5.00 35.76 -6.59
N GLY A 166 -5.68 34.86 -7.32
CA GLY A 166 -6.59 33.89 -6.72
C GLY A 166 -7.24 32.98 -7.75
N ALA A 167 -8.55 32.80 -7.61
CA ALA A 167 -9.32 31.96 -8.50
C ALA A 167 -10.81 32.31 -8.49
N VAL A 168 -11.54 31.87 -9.51
CA VAL A 168 -12.97 32.12 -9.56
C VAL A 168 -13.69 30.80 -9.89
N ILE A 169 -14.79 30.56 -9.17
CA ILE A 169 -15.60 29.37 -9.31
C ILE A 169 -16.79 29.69 -10.19
N ARG A 170 -17.09 28.81 -11.14
CA ARG A 170 -18.23 28.93 -12.03
C ARG A 170 -19.33 28.04 -11.47
N PHE A 171 -20.58 28.51 -11.55
CA PHE A 171 -21.73 27.72 -11.18
C PHE A 171 -22.62 27.43 -12.41
N GLU A 172 -23.47 26.43 -12.25
CA GLU A 172 -24.35 25.91 -13.28
C GLU A 172 -25.33 26.98 -13.72
N ASP A 173 -25.81 27.77 -12.74
CA ASP A 173 -26.84 28.76 -12.97
C ASP A 173 -26.25 30.03 -13.55
N GLY A 174 -24.97 30.00 -13.93
CA GLY A 174 -24.34 31.16 -14.57
C GLY A 174 -23.53 32.01 -13.60
N GLY A 175 -23.67 31.78 -12.29
CA GLY A 175 -23.05 32.61 -11.27
C GLY A 175 -21.52 32.49 -11.23
N GLU A 176 -20.91 33.36 -10.45
CA GLU A 176 -19.48 33.31 -10.16
C GLU A 176 -19.22 33.81 -8.74
N ALA A 177 -18.12 33.28 -8.18
CA ALA A 177 -17.59 33.69 -6.89
C ALA A 177 -16.07 33.63 -6.95
N GLU A 178 -15.44 34.79 -6.76
CA GLU A 178 -14.00 34.95 -6.77
C GLU A 178 -13.51 34.84 -5.33
N ALA A 179 -12.24 34.46 -5.16
CA ALA A 179 -11.68 34.17 -3.85
C ALA A 179 -10.16 34.10 -3.91
N ASP A 180 -9.55 34.18 -2.72
CA ASP A 180 -8.10 34.20 -2.61
C ASP A 180 -7.58 32.77 -2.57
N ALA A 181 -8.48 31.86 -2.18
CA ALA A 181 -8.18 30.44 -2.22
C ALA A 181 -9.48 29.67 -2.40
N VAL A 182 -9.40 28.61 -3.20
CA VAL A 182 -10.52 27.71 -3.44
C VAL A 182 -10.14 26.29 -3.03
N VAL A 183 -10.97 25.67 -2.19
CA VAL A 183 -10.78 24.29 -1.79
C VAL A 183 -11.86 23.42 -2.41
N GLY A 184 -11.40 22.45 -3.20
CA GLY A 184 -12.28 21.44 -3.77
C GLY A 184 -12.51 20.29 -2.80
N ALA A 185 -13.66 20.31 -2.13
CA ALA A 185 -14.14 19.24 -1.28
C ALA A 185 -15.43 18.67 -1.85
N ASP A 186 -15.46 18.53 -3.18
CA ASP A 186 -16.69 18.25 -3.90
C ASP A 186 -16.79 16.76 -4.24
N GLY A 187 -16.07 15.92 -3.50
CA GLY A 187 -16.32 14.49 -3.50
C GLY A 187 -15.52 13.76 -4.59
N ILE A 188 -15.83 12.48 -4.79
CA ILE A 188 -14.99 11.67 -5.67
C ILE A 188 -15.09 12.14 -7.13
N HIS A 189 -16.26 12.64 -7.56
CA HIS A 189 -16.43 13.19 -8.90
C HIS A 189 -16.31 14.71 -8.84
N SER A 190 -15.14 15.17 -8.45
CA SER A 190 -14.87 16.57 -8.16
C SER A 190 -14.84 17.38 -9.45
N ALA A 191 -15.74 18.38 -9.53
CA ALA A 191 -15.69 19.35 -10.61
C ALA A 191 -14.40 20.15 -10.56
N VAL A 192 -13.94 20.45 -9.33
CA VAL A 192 -12.72 21.21 -9.14
C VAL A 192 -11.51 20.42 -9.64
N ARG A 193 -11.48 19.11 -9.40
CA ARG A 193 -10.34 18.32 -9.84
C ARG A 193 -10.32 18.26 -11.37
N HIS A 194 -11.49 18.02 -11.97
CA HIS A 194 -11.63 18.02 -13.43
C HIS A 194 -11.09 19.31 -14.04
N SER A 195 -11.50 20.48 -13.51
CA SER A 195 -10.98 21.78 -13.93
C SER A 195 -9.46 21.89 -13.85
N LEU A 196 -8.85 21.38 -12.78
CA LEU A 196 -7.41 21.57 -12.60
C LEU A 196 -6.57 20.61 -13.45
N PHE A 197 -6.96 19.33 -13.52
CA PHE A 197 -6.04 18.34 -14.08
C PHE A 197 -6.68 17.55 -15.22
N GLY A 198 -7.90 17.89 -15.59
CA GLY A 198 -8.52 17.27 -16.74
C GLY A 198 -9.25 15.98 -16.40
N PRO A 199 -9.86 15.34 -17.43
CA PRO A 199 -10.70 14.17 -17.20
C PRO A 199 -9.81 13.05 -16.64
N GLN A 200 -10.41 12.26 -15.75
CA GLN A 200 -9.74 11.14 -15.12
C GLN A 200 -10.83 10.21 -14.63
N GLU A 201 -10.72 8.94 -15.03
CA GLU A 201 -11.73 7.96 -14.74
C GLU A 201 -11.54 7.52 -13.29
N ALA A 202 -12.63 7.47 -12.53
CA ALA A 202 -12.64 6.76 -11.27
C ALA A 202 -12.43 5.26 -11.55
N VAL A 203 -11.83 4.54 -10.60
CA VAL A 203 -11.47 3.13 -10.77
C VAL A 203 -12.53 2.27 -10.09
N PHE A 204 -13.26 1.47 -10.90
CA PHE A 204 -14.29 0.58 -10.38
C PHE A 204 -13.64 -0.66 -9.73
N SER A 205 -14.10 -1.03 -8.53
CA SER A 205 -13.59 -2.17 -7.78
C SER A 205 -14.18 -3.48 -8.30
N GLY A 206 -15.29 -3.42 -9.03
CA GLY A 206 -15.99 -4.66 -9.37
C GLY A 206 -16.81 -5.19 -8.20
N THR A 207 -17.12 -4.31 -7.23
CA THR A 207 -17.97 -4.66 -6.10
C THR A 207 -18.94 -3.53 -5.83
N SER A 208 -20.03 -3.87 -5.11
CA SER A 208 -21.04 -2.93 -4.67
C SER A 208 -21.14 -3.03 -3.16
N GLY A 209 -21.44 -1.88 -2.55
CA GLY A 209 -21.75 -1.83 -1.13
C GLY A 209 -23.23 -1.56 -0.92
N TYR A 210 -23.89 -2.46 -0.22
CA TYR A 210 -25.25 -2.22 0.21
C TYR A 210 -25.16 -1.70 1.62
N ARG A 211 -25.89 -0.62 1.91
CA ARG A 211 -25.82 0.04 3.21
C ARG A 211 -27.22 0.28 3.74
N ALA A 212 -27.41 0.17 5.06
CA ALA A 212 -28.69 0.43 5.69
C ALA A 212 -28.52 0.64 7.20
N LEU A 213 -29.41 1.46 7.79
CA LEU A 213 -29.64 1.44 9.21
C LEU A 213 -30.93 0.67 9.48
N VAL A 214 -30.83 -0.36 10.32
CA VAL A 214 -31.94 -1.18 10.73
C VAL A 214 -32.28 -0.80 12.17
N PRO A 215 -33.54 -0.43 12.49
CA PRO A 215 -33.93 -0.21 13.89
C PRO A 215 -33.73 -1.49 14.71
N MET A 216 -33.20 -1.36 15.93
CA MET A 216 -32.86 -2.50 16.75
C MET A 216 -34.11 -3.31 17.15
N ASP A 217 -35.29 -2.69 17.08
CA ASP A 217 -36.52 -3.37 17.50
C ASP A 217 -36.95 -4.37 16.41
N ARG A 218 -36.39 -4.25 15.20
CA ARG A 218 -36.59 -5.23 14.16
C ARG A 218 -35.58 -6.39 14.28
N LEU A 219 -34.71 -6.39 15.30
CA LEU A 219 -33.63 -7.35 15.43
C LEU A 219 -33.58 -7.92 16.85
N ARG A 220 -34.74 -8.02 17.51
CA ARG A 220 -34.81 -8.57 18.86
C ARG A 220 -34.44 -10.05 18.82
N HIS A 221 -34.65 -10.67 17.66
CA HIS A 221 -34.44 -12.11 17.49
C HIS A 221 -32.96 -12.48 17.36
N VAL A 222 -32.06 -11.49 17.33
CA VAL A 222 -30.66 -11.74 17.06
C VAL A 222 -29.86 -11.49 18.34
N PRO A 223 -29.59 -12.53 19.17
CA PRO A 223 -29.06 -12.34 20.52
C PRO A 223 -27.62 -11.82 20.64
N GLU A 224 -26.86 -11.88 19.54
CA GLU A 224 -25.49 -11.42 19.54
C GLU A 224 -25.47 -9.89 19.68
N LEU A 225 -26.54 -9.25 19.18
CA LEU A 225 -26.62 -7.80 19.16
C LEU A 225 -26.90 -7.22 20.55
N ALA A 226 -26.95 -8.04 21.60
CA ALA A 226 -27.13 -7.55 22.96
C ALA A 226 -25.92 -6.73 23.43
N GLU A 227 -24.71 -7.16 23.04
N GLU A 227 -24.70 -7.16 23.06
CA GLU A 227 -23.49 -6.37 23.23
CA GLU A 227 -23.50 -6.35 23.26
C GLU A 227 -23.28 -5.47 22.01
C GLU A 227 -23.27 -5.49 22.02
N PRO A 228 -22.88 -4.19 22.17
CA PRO A 228 -22.41 -3.39 21.04
C PRO A 228 -21.01 -3.78 20.56
N VAL A 229 -20.96 -4.21 19.30
CA VAL A 229 -19.78 -4.82 18.71
C VAL A 229 -19.57 -4.23 17.31
N LEU A 230 -18.31 -4.06 16.91
CA LEU A 230 -17.95 -3.91 15.51
C LEU A 230 -17.73 -5.28 14.90
N TRP A 231 -18.70 -5.72 14.07
CA TRP A 231 -18.69 -7.03 13.43
C TRP A 231 -18.05 -6.95 12.04
N LEU A 232 -17.07 -7.81 11.79
CA LEU A 232 -16.51 -7.99 10.46
C LEU A 232 -16.61 -9.47 10.09
N TRP A 233 -17.60 -9.83 9.26
CA TRP A 233 -17.81 -11.19 8.78
C TRP A 233 -17.10 -11.38 7.45
N LEU A 234 -16.12 -12.29 7.43
CA LEU A 234 -15.24 -12.42 6.29
C LEU A 234 -15.49 -13.76 5.63
N GLY A 235 -15.64 -13.75 4.30
CA GLY A 235 -15.92 -15.00 3.59
C GLY A 235 -15.55 -14.92 2.13
N PRO A 236 -15.95 -15.93 1.34
CA PRO A 236 -15.47 -16.04 -0.04
C PRO A 236 -16.19 -15.05 -0.95
N GLY A 237 -15.43 -14.12 -1.53
CA GLY A 237 -15.87 -13.25 -2.61
C GLY A 237 -16.60 -11.99 -2.14
N ARG A 238 -16.83 -11.88 -0.83
CA ARG A 238 -17.73 -10.87 -0.30
C ARG A 238 -17.54 -10.77 1.20
N HIS A 239 -18.00 -9.67 1.80
CA HIS A 239 -17.87 -9.49 3.23
C HIS A 239 -19.00 -8.64 3.76
N PHE A 240 -19.12 -8.60 5.09
CA PHE A 240 -20.26 -7.99 5.75
C PHE A 240 -19.83 -7.36 7.08
N ILE A 241 -20.00 -6.04 7.16
CA ILE A 241 -19.65 -5.28 8.34
C ILE A 241 -20.93 -4.74 8.97
N ALA A 242 -21.00 -4.76 10.30
CA ALA A 242 -22.14 -4.22 11.01
C ALA A 242 -21.68 -3.62 12.33
N TYR A 243 -22.39 -2.58 12.76
CA TYR A 243 -22.10 -1.96 14.04
C TYR A 243 -23.27 -1.09 14.48
N PRO A 244 -23.40 -0.81 15.78
CA PRO A 244 -24.44 0.09 16.27
C PRO A 244 -24.13 1.55 15.99
N VAL A 245 -25.20 2.33 15.81
CA VAL A 245 -25.16 3.78 15.81
C VAL A 245 -26.32 4.28 16.68
N ALA A 246 -26.50 5.61 16.73
CA ALA A 246 -27.57 6.25 17.46
C ALA A 246 -27.68 5.69 18.88
N ASP A 247 -26.54 5.66 19.58
CA ASP A 247 -26.51 5.21 20.96
C ASP A 247 -27.10 3.83 21.11
N GLY A 248 -26.93 2.94 20.11
CA GLY A 248 -27.31 1.54 20.24
C GLY A 248 -28.73 1.22 19.79
N SER A 249 -29.45 2.22 19.26
CA SER A 249 -30.86 2.08 18.92
C SER A 249 -31.09 1.64 17.47
N ALA A 250 -30.07 1.78 16.62
CA ALA A 250 -30.11 1.25 15.27
C ALA A 250 -28.78 0.53 14.97
N LEU A 251 -28.78 -0.36 13.98
CA LEU A 251 -27.60 -1.10 13.56
C LEU A 251 -27.29 -0.73 12.12
N ASN A 252 -26.07 -0.23 11.89
CA ASN A 252 -25.61 -0.02 10.53
C ASN A 252 -25.09 -1.34 9.99
N PHE A 253 -25.28 -1.56 8.68
CA PHE A 253 -24.57 -2.64 8.02
C PHE A 253 -24.07 -2.17 6.67
N LEU A 254 -22.93 -2.75 6.25
CA LEU A 254 -22.36 -2.59 4.93
C LEU A 254 -22.06 -3.97 4.37
N ALA A 255 -22.66 -4.31 3.24
CA ALA A 255 -22.46 -5.61 2.64
C ALA A 255 -21.79 -5.39 1.30
N VAL A 256 -20.58 -5.92 1.15
CA VAL A 256 -19.80 -5.77 -0.07
C VAL A 256 -19.90 -7.07 -0.85
N VAL A 257 -20.31 -6.99 -2.12
CA VAL A 257 -20.59 -8.17 -2.95
C VAL A 257 -20.04 -7.93 -4.34
N PRO A 258 -19.76 -9.00 -5.12
CA PRO A 258 -19.38 -8.83 -6.53
C PRO A 258 -20.53 -8.16 -7.26
N ASP A 259 -20.22 -7.28 -8.21
CA ASP A 259 -21.26 -6.66 -9.02
C ASP A 259 -20.98 -6.83 -10.51
N GLY A 271 -30.99 -0.58 -4.73
CA GLY A 271 -30.76 -1.96 -5.23
C GLY A 271 -31.72 -2.96 -4.59
N ASP A 272 -31.87 -4.12 -5.26
CA ASP A 272 -32.88 -5.12 -4.93
C ASP A 272 -32.43 -5.93 -3.71
N ALA A 273 -33.31 -6.01 -2.68
CA ALA A 273 -33.03 -6.77 -1.47
C ALA A 273 -32.84 -8.26 -1.77
N ALA A 274 -33.55 -8.78 -2.77
CA ALA A 274 -33.56 -10.21 -3.04
C ALA A 274 -32.21 -10.67 -3.55
N GLU A 275 -31.55 -9.82 -4.35
CA GLU A 275 -30.29 -10.17 -4.96
C GLU A 275 -29.18 -10.11 -3.90
N LEU A 276 -29.34 -9.16 -2.96
CA LEU A 276 -28.41 -9.00 -1.87
C LEU A 276 -28.50 -10.22 -0.95
N ARG A 277 -29.72 -10.58 -0.50
CA ARG A 277 -29.90 -11.72 0.38
C ARG A 277 -29.31 -12.99 -0.25
N ALA A 278 -29.48 -13.13 -1.57
CA ALA A 278 -29.01 -14.29 -2.33
C ALA A 278 -27.49 -14.37 -2.37
N ALA A 279 -26.83 -13.21 -2.51
CA ALA A 279 -25.37 -13.17 -2.56
C ALA A 279 -24.77 -13.68 -1.24
N PHE A 280 -25.55 -13.70 -0.14
CA PHE A 280 -25.12 -14.22 1.15
C PHE A 280 -25.80 -15.54 1.48
N ASP A 281 -26.14 -16.33 0.46
CA ASP A 281 -26.65 -17.67 0.69
C ASP A 281 -25.57 -18.54 1.31
N GLY A 282 -25.93 -19.27 2.37
CA GLY A 282 -25.01 -20.19 2.99
C GLY A 282 -24.32 -19.60 4.21
N TRP A 283 -24.44 -18.28 4.40
CA TRP A 283 -23.78 -17.62 5.51
C TRP A 283 -24.56 -17.84 6.81
N HIS A 284 -23.93 -17.51 7.95
CA HIS A 284 -24.52 -17.73 9.25
C HIS A 284 -25.80 -16.91 9.44
N PRO A 285 -26.77 -17.46 10.20
CA PRO A 285 -28.04 -16.79 10.46
C PRO A 285 -27.97 -15.32 10.81
N PHE A 286 -26.95 -14.94 11.58
CA PHE A 286 -26.73 -13.55 11.99
C PHE A 286 -26.72 -12.61 10.77
N VAL A 287 -25.99 -12.99 9.73
CA VAL A 287 -25.93 -12.17 8.53
C VAL A 287 -27.29 -12.23 7.84
N THR A 288 -27.86 -13.43 7.68
CA THR A 288 -29.09 -13.55 6.89
C THR A 288 -30.26 -12.87 7.59
N GLU A 289 -30.32 -12.92 8.93
N GLU A 289 -30.32 -12.93 8.94
CA GLU A 289 -31.37 -12.26 9.68
CA GLU A 289 -31.36 -12.26 9.70
C GLU A 289 -31.24 -10.74 9.59
C GLU A 289 -31.24 -10.74 9.59
N VAL A 290 -30.02 -10.21 9.75
CA VAL A 290 -29.82 -8.77 9.67
C VAL A 290 -30.18 -8.27 8.27
N LEU A 291 -29.78 -8.99 7.20
CA LEU A 291 -30.13 -8.59 5.84
C LEU A 291 -31.64 -8.64 5.62
N GLY A 292 -32.30 -9.65 6.19
CA GLY A 292 -33.72 -9.86 6.01
C GLY A 292 -34.58 -8.86 6.78
N ALA A 293 -33.97 -7.94 7.54
CA ALA A 293 -34.70 -6.94 8.30
C ALA A 293 -34.66 -5.55 7.63
N CYS A 294 -34.27 -5.47 6.35
CA CYS A 294 -34.32 -4.22 5.63
C CYS A 294 -34.81 -4.51 4.22
N GLU A 295 -35.97 -3.92 3.88
CA GLU A 295 -36.66 -4.21 2.63
C GLU A 295 -36.00 -3.43 1.50
N ARG A 296 -35.43 -2.26 1.81
CA ARG A 296 -34.99 -1.33 0.78
C ARG A 296 -33.61 -0.77 1.13
N PRO A 297 -32.54 -1.60 1.04
CA PRO A 297 -31.19 -1.13 1.33
C PRO A 297 -30.66 -0.30 0.16
N GLY A 298 -29.73 0.63 0.45
CA GLY A 298 -29.05 1.42 -0.58
C GLY A 298 -27.87 0.66 -1.21
N ARG A 299 -27.64 0.84 -2.52
CA ARG A 299 -26.60 0.15 -3.26
C ARG A 299 -25.64 1.18 -3.85
N TRP A 300 -24.34 1.00 -3.66
CA TRP A 300 -23.34 1.93 -4.14
C TRP A 300 -22.21 1.15 -4.80
N ALA A 301 -22.01 1.39 -6.09
CA ALA A 301 -20.83 0.89 -6.77
C ALA A 301 -19.61 1.48 -6.08
N LEU A 302 -18.59 0.65 -5.82
CA LEU A 302 -17.48 1.10 -5.00
C LEU A 302 -16.33 1.45 -5.92
N TYR A 303 -15.97 2.74 -5.88
CA TYR A 303 -14.89 3.27 -6.69
C TYR A 303 -13.83 3.87 -5.79
N ASP A 304 -12.61 4.00 -6.32
CA ASP A 304 -11.59 4.86 -5.73
C ASP A 304 -10.85 5.55 -6.89
N ARG A 305 -9.70 6.17 -6.60
CA ARG A 305 -8.83 6.72 -7.64
C ARG A 305 -7.38 6.39 -7.30
N GLU A 306 -6.58 6.24 -8.36
CA GLU A 306 -5.14 6.15 -8.21
C GLU A 306 -4.67 7.36 -7.42
N PRO A 307 -3.61 7.19 -6.59
CA PRO A 307 -2.99 8.31 -5.90
C PRO A 307 -2.55 9.35 -6.93
N GLN A 308 -2.72 10.63 -6.62
CA GLN A 308 -2.28 11.70 -7.51
C GLN A 308 -0.97 12.32 -7.02
N ARG A 309 -0.05 12.60 -7.95
CA ARG A 309 1.20 13.29 -7.61
C ARG A 309 0.91 14.72 -7.18
N VAL A 310 -0.15 15.36 -7.72
CA VAL A 310 -0.45 16.76 -7.51
C VAL A 310 -1.94 17.00 -7.21
N TRP A 311 -2.21 17.81 -6.17
CA TRP A 311 -3.53 18.23 -5.74
C TRP A 311 -3.78 19.73 -5.95
N SER A 312 -2.69 20.53 -6.03
CA SER A 312 -2.75 21.97 -5.86
C SER A 312 -2.23 22.67 -7.10
N SER A 313 -2.89 23.79 -7.44
CA SER A 313 -2.50 24.61 -8.58
C SER A 313 -2.81 26.05 -8.24
N GLY A 314 -1.75 26.87 -8.15
CA GLY A 314 -1.88 28.22 -7.65
C GLY A 314 -2.71 28.26 -6.38
N ALA A 315 -3.88 28.92 -6.44
CA ALA A 315 -4.64 29.16 -5.22
C ALA A 315 -5.79 28.16 -5.10
N VAL A 316 -5.70 27.06 -5.86
CA VAL A 316 -6.70 26.00 -5.76
C VAL A 316 -6.04 24.72 -5.25
N THR A 317 -6.77 24.02 -4.35
CA THR A 317 -6.37 22.71 -3.90
C THR A 317 -7.59 21.81 -3.72
N LEU A 318 -7.34 20.55 -3.37
CA LEU A 318 -8.39 19.57 -3.14
C LEU A 318 -8.31 19.04 -1.71
N LEU A 319 -9.45 18.51 -1.25
CA LEU A 319 -9.57 17.90 0.06
C LEU A 319 -10.59 16.75 0.04
N GLY A 320 -10.39 15.77 0.93
CA GLY A 320 -11.34 14.68 1.11
C GLY A 320 -11.33 13.71 -0.06
N ASP A 321 -12.51 13.24 -0.44
CA ASP A 321 -12.65 12.26 -1.51
C ASP A 321 -12.17 12.81 -2.85
N ALA A 322 -12.23 14.13 -3.03
CA ALA A 322 -11.76 14.80 -4.24
C ALA A 322 -10.25 14.66 -4.44
N ALA A 323 -9.53 14.54 -3.32
CA ALA A 323 -8.08 14.47 -3.36
C ALA A 323 -7.55 13.04 -3.32
N HIS A 324 -8.23 12.12 -2.63
CA HIS A 324 -7.62 10.83 -2.32
C HIS A 324 -8.69 9.77 -2.05
N ALA A 325 -9.57 9.53 -3.00
CA ALA A 325 -10.70 8.65 -2.75
C ALA A 325 -10.21 7.23 -2.53
N MET A 326 -10.73 6.55 -1.50
CA MET A 326 -10.31 5.18 -1.21
C MET A 326 -11.53 4.29 -1.08
N LEU A 327 -11.36 3.00 -1.29
CA LEU A 327 -12.42 2.05 -0.98
C LEU A 327 -12.66 2.04 0.52
N PRO A 328 -13.87 1.64 0.97
CA PRO A 328 -14.31 1.80 2.35
C PRO A 328 -13.74 0.81 3.37
N HIS A 329 -12.62 0.18 3.05
CA HIS A 329 -12.22 -1.03 3.76
C HIS A 329 -11.27 -0.78 4.92
N HIS A 330 -10.89 0.47 5.25
CA HIS A 330 -10.23 0.78 6.52
C HIS A 330 -11.14 1.58 7.45
N GLY A 331 -12.32 1.99 6.97
CA GLY A 331 -13.18 2.86 7.76
C GLY A 331 -12.49 4.18 8.11
N GLN A 332 -11.88 4.83 7.10
CA GLN A 332 -11.01 5.96 7.32
C GLN A 332 -11.25 7.17 6.40
N GLY A 333 -12.11 7.07 5.37
CA GLY A 333 -12.25 8.18 4.43
C GLY A 333 -12.69 9.49 5.08
N ALA A 334 -13.76 9.45 5.88
CA ALA A 334 -14.18 10.59 6.67
C ALA A 334 -13.09 11.02 7.66
N ASN A 335 -12.43 10.03 8.29
CA ASN A 335 -11.36 10.33 9.23
C ASN A 335 -10.30 11.17 8.52
N GLN A 336 -9.91 10.76 7.30
CA GLN A 336 -8.87 11.43 6.54
C GLN A 336 -9.31 12.81 6.05
N ALA A 337 -10.60 12.99 5.78
CA ALA A 337 -11.07 14.31 5.39
C ALA A 337 -10.93 15.28 6.55
N LEU A 338 -11.19 14.76 7.76
CA LEU A 338 -11.06 15.55 8.98
C LEU A 338 -9.59 15.94 9.22
N GLU A 339 -8.66 15.00 8.98
CA GLU A 339 -7.25 15.31 9.11
C GLU A 339 -6.89 16.38 8.07
N ASP A 340 -7.38 16.24 6.84
CA ASP A 340 -7.11 17.21 5.78
C ASP A 340 -7.54 18.59 6.27
N ALA A 341 -8.75 18.67 6.81
CA ALA A 341 -9.36 19.91 7.26
C ALA A 341 -8.50 20.63 8.29
N VAL A 342 -8.13 19.93 9.35
CA VAL A 342 -7.27 20.48 10.39
C VAL A 342 -5.98 21.00 9.77
N VAL A 343 -5.32 20.18 8.94
CA VAL A 343 -4.01 20.54 8.43
C VAL A 343 -4.10 21.74 7.49
N LEU A 344 -5.15 21.78 6.65
CA LEU A 344 -5.22 22.80 5.63
C LEU A 344 -5.58 24.15 6.27
N ALA A 345 -6.48 24.11 7.25
CA ALA A 345 -6.83 25.29 8.02
C ALA A 345 -5.62 25.86 8.73
N HIS A 346 -4.76 25.02 9.30
CA HIS A 346 -3.54 25.45 9.93
C HIS A 346 -2.69 26.29 8.99
N PHE A 347 -2.45 25.80 7.78
CA PHE A 347 -1.55 26.50 6.86
C PHE A 347 -2.19 27.79 6.31
N LEU A 348 -3.51 27.77 6.11
CA LEU A 348 -4.16 28.92 5.50
C LEU A 348 -4.39 29.99 6.55
N ALA A 349 -4.49 29.60 7.83
CA ALA A 349 -4.66 30.56 8.90
C ALA A 349 -3.38 31.34 9.18
N ARG A 350 -2.23 30.97 8.59
CA ARG A 350 -0.95 31.56 8.95
C ARG A 350 -0.33 32.29 7.78
N THR A 351 -1.11 32.63 6.76
CA THR A 351 -0.47 33.25 5.61
C THR A 351 -1.30 34.44 5.14
N ASP A 352 -0.70 35.20 4.22
CA ASP A 352 -1.39 36.26 3.52
C ASP A 352 -1.76 35.75 2.13
N THR A 353 -2.55 36.55 1.42
CA THR A 353 -2.96 36.31 0.04
C THR A 353 -1.82 35.80 -0.84
N GLY A 354 -0.63 36.39 -0.70
CA GLY A 354 0.49 36.07 -1.55
C GLY A 354 1.15 34.76 -1.16
N GLY A 355 0.94 34.33 0.08
CA GLY A 355 1.51 33.06 0.55
C GLY A 355 0.61 31.84 0.33
N VAL A 356 -0.56 32.04 -0.30
CA VAL A 356 -1.54 30.98 -0.46
C VAL A 356 -0.98 29.79 -1.23
N PRO A 357 -0.44 29.92 -2.48
CA PRO A 357 0.12 28.77 -3.17
C PRO A 357 1.12 27.95 -2.37
N SER A 358 2.01 28.62 -1.66
CA SER A 358 2.99 27.94 -0.82
C SER A 358 2.29 27.15 0.27
N ALA A 359 1.20 27.70 0.83
CA ALA A 359 0.50 27.09 1.94
C ALA A 359 -0.26 25.83 1.47
N LEU A 360 -0.83 25.90 0.26
CA LEU A 360 -1.54 24.78 -0.30
C LEU A 360 -0.57 23.64 -0.60
N ARG A 361 0.63 23.98 -1.10
CA ARG A 361 1.65 22.98 -1.37
C ARG A 361 2.15 22.33 -0.06
N ALA A 362 2.20 23.09 1.04
CA ALA A 362 2.70 22.55 2.29
C ALA A 362 1.70 21.55 2.86
N TYR A 363 0.41 21.90 2.79
CA TYR A 363 -0.68 21.00 3.16
C TYR A 363 -0.58 19.68 2.40
N GLU A 364 -0.44 19.79 1.09
CA GLU A 364 -0.43 18.64 0.20
C GLU A 364 0.79 17.77 0.52
N ARG A 365 1.94 18.39 0.79
CA ARG A 365 3.18 17.65 0.94
C ARG A 365 3.10 16.82 2.21
N LEU A 366 2.38 17.33 3.21
CA LEU A 366 2.18 16.63 4.46
C LEU A 366 1.11 15.52 4.38
N ARG A 367 0.06 15.76 3.58
CA ARG A 367 -1.09 14.89 3.57
C ARG A 367 -0.96 13.75 2.54
N ARG A 368 -0.28 13.98 1.41
CA ARG A 368 -0.32 13.03 0.30
C ARG A 368 0.21 11.65 0.71
N PRO A 369 1.44 11.54 1.24
CA PRO A 369 2.02 10.23 1.58
C PRO A 369 1.16 9.35 2.47
N ARG A 370 0.57 9.95 3.50
CA ARG A 370 -0.32 9.23 4.41
C ARG A 370 -1.56 8.70 3.66
N THR A 371 -2.23 9.58 2.91
CA THR A 371 -3.46 9.19 2.23
C THR A 371 -3.18 8.11 1.19
N ARG A 372 -2.03 8.22 0.54
CA ARG A 372 -1.61 7.26 -0.48
C ARG A 372 -1.52 5.86 0.14
N LEU A 373 -0.86 5.74 1.31
CA LEU A 373 -0.75 4.46 2.01
C LEU A 373 -2.13 3.92 2.42
N LEU A 374 -3.05 4.80 2.81
CA LEU A 374 -4.37 4.32 3.17
C LEU A 374 -5.12 3.83 1.94
N GLN A 375 -4.96 4.52 0.81
CA GLN A 375 -5.57 4.11 -0.43
C GLN A 375 -5.13 2.67 -0.78
N ALA A 376 -3.81 2.44 -0.71
CA ALA A 376 -3.25 1.14 -1.04
C ALA A 376 -3.77 0.08 -0.06
N GLY A 377 -3.81 0.43 1.23
CA GLY A 377 -4.28 -0.44 2.30
C GLY A 377 -5.73 -0.88 2.11
N SER A 378 -6.59 0.09 1.73
CA SER A 378 -8.01 -0.18 1.57
C SER A 378 -8.24 -1.16 0.43
N ARG A 379 -7.43 -1.05 -0.63
CA ARG A 379 -7.49 -2.01 -1.72
C ARG A 379 -7.07 -3.40 -1.26
N LYS A 380 -5.89 -3.47 -0.59
CA LYS A 380 -5.38 -4.72 -0.02
C LYS A 380 -6.51 -5.38 0.77
N ASN A 381 -7.20 -4.63 1.63
CA ASN A 381 -8.17 -5.24 2.53
C ASN A 381 -9.39 -5.81 1.79
N ALA A 382 -9.77 -5.20 0.66
CA ALA A 382 -10.85 -5.76 -0.16
C ALA A 382 -10.56 -7.23 -0.48
N GLY A 383 -9.36 -7.50 -1.01
CA GLY A 383 -8.90 -8.86 -1.18
C GLY A 383 -8.90 -9.68 0.11
N CYS A 384 -8.30 -9.13 1.19
CA CYS A 384 -8.05 -9.90 2.40
C CYS A 384 -9.38 -10.32 3.00
N PHE A 385 -10.39 -9.44 2.94
CA PHE A 385 -11.65 -9.71 3.60
C PHE A 385 -12.43 -10.79 2.85
N GLN A 386 -12.02 -11.09 1.61
CA GLN A 386 -12.84 -11.89 0.69
C GLN A 386 -12.14 -13.18 0.25
N LEU A 387 -11.10 -13.61 0.97
CA LEU A 387 -10.43 -14.84 0.62
C LEU A 387 -11.36 -16.01 0.89
N PRO A 388 -11.27 -17.09 0.06
CA PRO A 388 -11.91 -18.36 0.39
C PRO A 388 -11.16 -19.01 1.54
N ASP A 389 -11.78 -20.02 2.14
CA ASP A 389 -11.16 -20.77 3.22
C ASP A 389 -9.89 -21.44 2.68
N GLY A 390 -8.84 -21.44 3.48
CA GLY A 390 -7.60 -22.03 3.02
C GLY A 390 -6.41 -21.40 3.71
N PRO A 391 -5.20 -21.83 3.32
CA PRO A 391 -3.97 -21.29 3.91
C PRO A 391 -3.86 -19.76 3.95
N GLN A 392 -4.18 -19.09 2.81
CA GLN A 392 -4.05 -17.64 2.73
C GLN A 392 -4.96 -17.00 3.78
N ALA A 393 -6.18 -17.51 3.94
CA ALA A 393 -7.10 -16.98 4.93
C ALA A 393 -6.59 -17.23 6.35
N GLU A 394 -5.93 -18.38 6.58
CA GLU A 394 -5.37 -18.66 7.90
C GLU A 394 -4.22 -17.70 8.18
N ALA A 395 -3.41 -17.42 7.16
CA ALA A 395 -2.32 -16.48 7.29
C ALA A 395 -2.86 -15.05 7.52
N ARG A 396 -3.94 -14.69 6.80
CA ARG A 396 -4.57 -13.42 7.09
C ARG A 396 -4.92 -13.35 8.57
N ASN A 397 -5.62 -14.38 9.08
CA ASN A 397 -6.09 -14.43 10.46
C ASN A 397 -4.95 -14.25 11.44
N ALA A 398 -3.78 -14.83 11.16
CA ALA A 398 -2.60 -14.69 11.99
C ALA A 398 -2.15 -13.23 12.08
N ARG A 399 -2.03 -12.56 10.92
CA ARG A 399 -1.61 -11.17 10.90
C ARG A 399 -2.67 -10.30 11.60
N LEU A 400 -3.94 -10.73 11.64
CA LEU A 400 -5.02 -10.01 12.34
C LEU A 400 -4.83 -9.99 13.85
N ALA A 401 -4.18 -11.04 14.41
CA ALA A 401 -3.86 -11.09 15.83
C ALA A 401 -3.00 -9.90 16.27
N THR A 402 -2.16 -9.37 15.36
CA THR A 402 -1.24 -8.29 15.69
C THR A 402 -1.75 -6.95 15.16
N LEU A 403 -3.07 -6.82 15.00
CA LEU A 403 -3.64 -5.67 14.30
C LEU A 403 -3.35 -4.40 15.09
N PRO A 404 -3.50 -4.36 16.43
CA PRO A 404 -3.27 -3.12 17.18
C PRO A 404 -1.91 -2.48 16.89
N ASP A 405 -0.85 -3.30 16.77
CA ASP A 405 0.45 -2.79 16.38
C ASP A 405 0.46 -2.36 14.91
N ASP A 406 -0.10 -3.20 14.04
CA ASP A 406 0.05 -3.05 12.61
C ASP A 406 -0.72 -1.84 12.06
N VAL A 407 -1.79 -1.37 12.74
CA VAL A 407 -2.55 -0.21 12.31
C VAL A 407 -2.38 0.96 13.28
N ALA A 408 -1.37 0.91 14.14
CA ALA A 408 -1.15 1.99 15.10
C ALA A 408 -0.85 3.30 14.39
N TRP A 409 -0.13 3.20 13.26
CA TRP A 409 0.20 4.34 12.42
C TRP A 409 -1.04 5.06 11.93
N ILE A 410 -2.18 4.37 11.83
CA ILE A 410 -3.43 4.99 11.43
C ILE A 410 -4.09 5.59 12.67
N HIS A 411 -4.51 4.71 13.59
CA HIS A 411 -5.38 5.09 14.72
C HIS A 411 -4.66 6.00 15.71
N GLY A 412 -3.34 5.81 15.85
CA GLY A 412 -2.57 6.52 16.84
C GLY A 412 -1.96 7.82 16.32
N HIS A 413 -2.21 8.16 15.05
CA HIS A 413 -1.61 9.35 14.46
C HIS A 413 -2.15 10.58 15.17
N ASP A 414 -1.22 11.48 15.51
CA ASP A 414 -1.53 12.76 16.11
C ASP A 414 -1.43 13.83 15.02
N ILE A 415 -2.57 14.41 14.64
CA ILE A 415 -2.57 15.24 13.45
C ILE A 415 -1.85 16.57 13.76
N LEU A 416 -2.14 17.15 14.94
CA LEU A 416 -1.55 18.40 15.39
C LEU A 416 -0.04 18.26 15.52
N GLY A 417 0.43 17.14 16.10
CA GLY A 417 1.85 16.88 16.27
C GLY A 417 2.58 16.62 14.95
N SER A 418 1.84 16.39 13.86
CA SER A 418 2.45 16.18 12.55
C SER A 418 2.86 17.51 11.93
N LEU A 419 2.37 18.65 12.46
CA LEU A 419 2.57 19.97 11.85
C LEU A 419 3.98 20.47 12.10
N PRO A 420 4.41 21.62 11.50
CA PRO A 420 5.55 22.37 12.01
C PRO A 420 5.20 23.25 13.22
N LYS B 30 39.36 9.96 9.20
CA LYS B 30 38.27 10.97 9.07
C LYS B 30 37.27 10.49 8.01
N ARG B 31 37.21 9.17 7.80
CA ARG B 31 36.36 8.60 6.76
C ARG B 31 36.29 7.09 6.96
N PRO B 32 35.08 6.50 7.06
CA PRO B 32 34.88 5.26 7.81
C PRO B 32 35.31 4.00 7.06
N TYR B 33 35.82 3.02 7.81
CA TYR B 33 35.95 1.66 7.33
C TYR B 33 34.61 0.96 7.56
N VAL B 34 34.11 0.26 6.53
CA VAL B 34 32.73 -0.22 6.50
C VAL B 34 32.71 -1.74 6.38
N ALA B 35 32.07 -2.39 7.37
CA ALA B 35 31.85 -3.82 7.32
C ALA B 35 30.41 -4.13 6.91
N VAL B 36 30.28 -4.97 5.88
CA VAL B 36 29.01 -5.35 5.29
C VAL B 36 28.78 -6.82 5.59
N VAL B 37 27.69 -7.12 6.33
CA VAL B 37 27.32 -8.50 6.60
C VAL B 37 26.38 -8.98 5.50
N GLY B 38 26.85 -9.95 4.70
CA GLY B 38 26.06 -10.57 3.66
C GLY B 38 26.62 -10.25 2.28
N GLY B 39 26.77 -11.28 1.45
CA GLY B 39 27.31 -11.15 0.10
C GLY B 39 26.30 -11.55 -0.99
N GLY B 40 25.03 -11.18 -0.76
CA GLY B 40 24.03 -11.24 -1.81
C GLY B 40 24.11 -10.01 -2.70
N ILE B 41 23.09 -9.82 -3.52
CA ILE B 41 23.08 -8.68 -4.43
C ILE B 41 23.25 -7.39 -3.62
N GLY B 42 22.54 -7.27 -2.49
CA GLY B 42 22.51 -6.02 -1.75
C GLY B 42 23.89 -5.66 -1.20
N GLY B 43 24.51 -6.65 -0.54
CA GLY B 43 25.79 -6.48 0.12
C GLY B 43 26.93 -6.18 -0.87
N LEU B 44 27.02 -6.98 -1.94
CA LEU B 44 28.04 -6.77 -2.97
C LEU B 44 27.87 -5.37 -3.55
N ALA B 45 26.63 -5.00 -3.90
CA ALA B 45 26.37 -3.73 -4.56
C ALA B 45 26.78 -2.56 -3.67
N VAL B 46 26.53 -2.63 -2.37
CA VAL B 46 26.82 -1.47 -1.55
C VAL B 46 28.33 -1.40 -1.30
N ALA B 47 28.98 -2.56 -1.19
CA ALA B 47 30.41 -2.62 -1.01
C ALA B 47 31.08 -2.05 -2.25
N LEU B 48 30.61 -2.51 -3.41
CA LEU B 48 31.13 -2.08 -4.70
C LEU B 48 30.95 -0.58 -4.88
N GLY B 49 29.86 -0.04 -4.35
CA GLY B 49 29.52 1.35 -4.58
C GLY B 49 30.29 2.26 -3.64
N LEU B 50 30.54 1.77 -2.42
CA LEU B 50 31.41 2.45 -1.46
C LEU B 50 32.84 2.54 -2.01
N ARG B 51 33.37 1.42 -2.55
CA ARG B 51 34.75 1.37 -3.00
C ARG B 51 34.94 2.29 -4.22
N ARG B 52 33.97 2.28 -5.14
CA ARG B 52 33.93 3.17 -6.28
C ARG B 52 33.95 4.64 -5.86
N GLN B 53 33.61 4.98 -4.60
CA GLN B 53 33.75 6.35 -4.14
C GLN B 53 34.82 6.43 -3.05
N GLY B 54 35.79 5.51 -3.11
CA GLY B 54 37.00 5.59 -2.31
C GLY B 54 36.84 5.24 -0.84
N VAL B 55 35.79 4.48 -0.47
CA VAL B 55 35.61 4.02 0.90
C VAL B 55 36.01 2.55 1.03
N GLU B 56 36.75 2.24 2.11
CA GLU B 56 37.16 0.89 2.45
C GLU B 56 35.93 0.09 2.85
N ALA B 57 35.55 -0.94 2.08
CA ALA B 57 34.39 -1.74 2.44
C ALA B 57 34.73 -3.21 2.26
N VAL B 58 34.25 -4.05 3.20
CA VAL B 58 34.57 -5.46 3.19
C VAL B 58 33.31 -6.26 3.52
N VAL B 59 33.12 -7.38 2.82
CA VAL B 59 31.92 -8.19 2.96
C VAL B 59 32.24 -9.47 3.73
N HIS B 60 31.42 -9.77 4.73
CA HIS B 60 31.51 -11.02 5.47
C HIS B 60 30.31 -11.92 5.17
N GLU B 61 30.55 -13.03 4.48
CA GLU B 61 29.50 -13.89 3.96
C GLU B 61 29.59 -15.28 4.60
N GLN B 62 28.46 -15.81 5.06
CA GLN B 62 28.44 -17.04 5.83
C GLN B 62 28.73 -18.26 4.96
N ALA B 63 28.34 -18.24 3.68
CA ALA B 63 28.51 -19.41 2.83
C ALA B 63 30.00 -19.63 2.53
N HIS B 64 30.37 -20.90 2.28
CA HIS B 64 31.75 -21.30 2.04
C HIS B 64 32.10 -21.01 0.57
N ALA B 65 31.10 -20.97 -0.31
CA ALA B 65 31.26 -20.40 -1.64
C ALA B 65 29.90 -19.91 -2.14
N LEU B 66 29.90 -18.90 -3.02
CA LEU B 66 28.66 -18.30 -3.50
C LEU B 66 27.95 -19.26 -4.46
N SER B 67 26.63 -19.39 -4.30
CA SER B 67 25.82 -20.34 -5.04
C SER B 67 25.64 -19.87 -6.49
N HIS B 68 25.39 -20.84 -7.37
CA HIS B 68 25.04 -20.58 -8.77
C HIS B 68 23.58 -21.00 -9.00
N GLN B 69 22.79 -21.23 -7.94
CA GLN B 69 21.46 -21.83 -8.07
C GLN B 69 20.33 -20.81 -7.99
N GLY B 70 20.62 -19.56 -7.59
CA GLY B 70 19.66 -18.47 -7.71
C GLY B 70 19.12 -18.33 -9.13
N ALA B 71 17.84 -18.67 -9.32
CA ALA B 71 17.36 -18.99 -10.64
C ALA B 71 16.17 -18.10 -11.02
N GLY B 72 16.42 -16.97 -11.70
CA GLY B 72 15.36 -16.15 -12.30
C GLY B 72 14.99 -14.87 -11.52
N ILE B 73 15.38 -13.66 -12.02
CA ILE B 73 14.80 -12.40 -11.57
C ILE B 73 14.57 -11.44 -12.74
N ALA B 74 13.70 -10.44 -12.51
CA ALA B 74 13.42 -9.36 -13.45
C ALA B 74 14.10 -8.09 -12.99
N ILE B 75 14.84 -7.43 -13.90
CA ILE B 75 15.44 -6.12 -13.63
C ILE B 75 14.67 -5.03 -14.38
N GLY B 76 14.04 -4.14 -13.62
CA GLY B 76 13.37 -3.00 -14.21
C GLY B 76 14.34 -1.87 -14.52
N ALA B 77 13.84 -0.85 -15.22
CA ALA B 77 14.65 0.30 -15.58
C ALA B 77 15.30 0.89 -14.35
N ASN B 78 14.56 0.92 -13.24
CA ASN B 78 15.02 1.55 -12.01
C ASN B 78 16.25 0.83 -11.48
N GLY B 79 16.21 -0.52 -11.55
CA GLY B 79 17.34 -1.33 -11.16
C GLY B 79 18.46 -1.31 -12.18
N HIS B 80 18.08 -1.29 -13.47
CA HIS B 80 19.04 -1.18 -14.55
C HIS B 80 19.93 0.05 -14.31
N ARG B 81 19.30 1.17 -13.95
CA ARG B 81 20.02 2.42 -13.71
C ARG B 81 21.01 2.29 -12.56
N ALA B 82 20.65 1.51 -11.54
CA ALA B 82 21.56 1.29 -10.41
C ALA B 82 22.75 0.46 -10.84
N LEU B 83 22.55 -0.50 -11.75
CA LEU B 83 23.62 -1.34 -12.27
C LEU B 83 24.58 -0.54 -13.13
N ARG B 84 24.04 0.41 -13.92
CA ARG B 84 24.86 1.30 -14.73
C ARG B 84 25.77 2.10 -13.80
N GLU B 85 25.16 2.74 -12.79
CA GLU B 85 25.86 3.52 -11.81
C GLU B 85 26.99 2.73 -11.12
N LEU B 86 26.81 1.42 -10.94
CA LEU B 86 27.78 0.59 -10.24
C LEU B 86 28.74 -0.08 -11.22
N GLY B 87 28.48 0.09 -12.53
CA GLY B 87 29.39 -0.30 -13.59
C GLY B 87 29.31 -1.78 -13.92
N VAL B 88 28.13 -2.39 -13.73
CA VAL B 88 27.97 -3.83 -13.95
C VAL B 88 26.96 -4.14 -15.06
N ALA B 89 26.28 -3.12 -15.61
CA ALA B 89 25.27 -3.39 -16.63
C ALA B 89 25.92 -4.00 -17.87
N LYS B 90 27.08 -3.46 -18.27
CA LYS B 90 27.84 -3.95 -19.41
C LYS B 90 28.14 -5.45 -19.28
N ARG B 91 28.46 -5.94 -18.07
CA ARG B 91 28.79 -7.34 -17.88
C ARG B 91 27.57 -8.24 -17.96
N LEU B 92 26.36 -7.67 -17.90
CA LEU B 92 25.15 -8.48 -17.86
C LEU B 92 24.48 -8.58 -19.22
N THR B 93 24.96 -7.77 -20.20
CA THR B 93 24.34 -7.65 -21.51
C THR B 93 24.21 -9.01 -22.20
N ALA B 94 25.28 -9.80 -22.16
CA ALA B 94 25.32 -11.11 -22.78
C ALA B 94 24.21 -12.01 -22.25
N SER B 95 24.19 -12.22 -20.92
CA SER B 95 23.37 -13.25 -20.31
C SER B 95 21.93 -12.77 -20.05
N ALA B 96 21.68 -11.45 -20.16
CA ALA B 96 20.33 -10.92 -20.05
C ALA B 96 19.44 -11.51 -21.14
N ALA B 97 18.12 -11.27 -20.98
CA ALA B 97 17.11 -11.58 -21.97
C ALA B 97 16.13 -10.42 -21.99
N ARG B 98 15.54 -10.14 -23.17
CA ARG B 98 14.75 -8.93 -23.39
C ARG B 98 13.32 -9.32 -23.78
N PRO B 99 12.42 -9.58 -22.82
CA PRO B 99 11.05 -9.94 -23.13
C PRO B 99 10.41 -8.85 -24.00
N SER B 100 9.69 -9.25 -25.06
CA SER B 100 9.14 -8.29 -26.00
C SER B 100 7.87 -7.65 -25.46
N ARG B 101 7.22 -8.36 -24.51
CA ARG B 101 5.95 -7.91 -23.94
C ARG B 101 5.67 -8.59 -22.60
N ALA B 102 4.82 -7.93 -21.80
CA ALA B 102 4.16 -8.52 -20.65
C ALA B 102 2.78 -9.01 -21.07
N ASP B 103 2.53 -10.31 -20.93
CA ASP B 103 1.34 -10.95 -21.44
C ASP B 103 0.59 -11.57 -20.26
N PHE B 104 -0.52 -10.95 -19.87
CA PHE B 104 -1.38 -11.44 -18.81
C PHE B 104 -2.42 -12.39 -19.42
N ARG B 105 -2.38 -13.65 -18.96
CA ARG B 105 -3.04 -14.77 -19.61
C ARG B 105 -4.07 -15.40 -18.70
N HIS B 106 -5.18 -15.83 -19.31
CA HIS B 106 -6.24 -16.51 -18.58
C HIS B 106 -5.82 -17.94 -18.24
N TRP B 107 -6.06 -18.33 -16.99
CA TRP B 107 -5.56 -19.59 -16.45
C TRP B 107 -6.08 -20.78 -17.26
N ARG B 108 -7.33 -20.69 -17.73
CA ARG B 108 -8.01 -21.82 -18.32
C ARG B 108 -7.99 -21.76 -19.84
N THR B 109 -8.34 -20.60 -20.41
CA THR B 109 -8.57 -20.49 -21.83
C THR B 109 -7.29 -20.14 -22.57
N GLY B 110 -6.31 -19.57 -21.86
CA GLY B 110 -5.07 -19.16 -22.48
C GLY B 110 -5.21 -17.87 -23.27
N ARG B 111 -6.34 -17.17 -23.11
CA ARG B 111 -6.56 -15.91 -23.81
C ARG B 111 -5.61 -14.84 -23.24
N SER B 112 -5.10 -13.95 -24.09
CA SER B 112 -4.36 -12.79 -23.63
C SER B 112 -5.33 -11.71 -23.16
N MET B 113 -5.46 -11.57 -21.83
CA MET B 113 -6.42 -10.64 -21.24
C MET B 113 -5.90 -9.20 -21.40
N VAL B 114 -4.59 -9.03 -21.18
CA VAL B 114 -3.97 -7.72 -21.33
C VAL B 114 -2.53 -7.95 -21.76
N SER B 115 -2.04 -7.05 -22.62
CA SER B 115 -0.71 -7.14 -23.18
C SER B 115 -0.12 -5.73 -23.27
N HIS B 116 1.14 -5.61 -22.89
CA HIS B 116 1.85 -4.35 -23.02
C HIS B 116 3.20 -4.64 -23.69
N ARG B 117 3.46 -3.92 -24.79
CA ARG B 117 4.71 -4.05 -25.51
C ARG B 117 5.84 -3.44 -24.69
N LEU B 118 6.98 -4.15 -24.62
CA LEU B 118 8.13 -3.66 -23.89
C LEU B 118 9.22 -3.19 -24.86
N THR B 119 9.48 -3.97 -25.93
CA THR B 119 10.38 -3.59 -27.02
C THR B 119 10.20 -2.11 -27.37
N GLY B 120 11.21 -1.30 -27.04
CA GLY B 120 11.22 0.09 -27.42
C GLY B 120 10.48 1.01 -26.45
N LEU B 121 9.15 0.81 -26.32
CA LEU B 121 8.28 1.67 -25.51
C LEU B 121 8.75 1.75 -24.06
N TYR B 122 9.15 0.60 -23.48
CA TYR B 122 9.55 0.55 -22.08
C TYR B 122 10.78 1.43 -21.88
N GLU B 123 11.80 1.24 -22.71
CA GLU B 123 13.04 2.00 -22.59
C GLU B 123 12.78 3.48 -22.85
N GLU B 124 11.97 3.83 -23.86
CA GLU B 124 11.72 5.23 -24.15
C GLU B 124 11.09 5.88 -22.93
N ARG B 125 10.07 5.21 -22.37
CA ARG B 125 9.30 5.80 -21.30
C ARG B 125 10.10 5.93 -20.00
N PHE B 126 10.89 4.91 -19.63
CA PHE B 126 11.43 4.85 -18.28
C PHE B 126 12.94 5.01 -18.23
N GLY B 127 13.61 5.04 -19.40
CA GLY B 127 15.00 5.45 -19.50
C GLY B 127 16.01 4.30 -19.41
N ALA B 128 15.53 3.05 -19.54
CA ALA B 128 16.39 1.88 -19.56
C ALA B 128 15.56 0.65 -19.88
N PRO B 129 16.21 -0.45 -20.32
CA PRO B 129 15.45 -1.61 -20.79
C PRO B 129 14.95 -2.48 -19.64
N PHE B 130 14.02 -3.40 -19.97
CA PHE B 130 13.51 -4.42 -19.06
C PHE B 130 14.23 -5.73 -19.33
N TRP B 131 15.02 -6.22 -18.36
CA TRP B 131 15.77 -7.46 -18.50
C TRP B 131 15.22 -8.55 -17.61
N THR B 132 15.33 -9.80 -18.08
CA THR B 132 15.19 -10.96 -17.21
C THR B 132 16.50 -11.76 -17.29
N VAL B 133 16.95 -12.21 -16.12
CA VAL B 133 18.32 -12.68 -15.97
C VAL B 133 18.42 -13.60 -14.77
N GLU B 134 19.41 -14.50 -14.78
CA GLU B 134 19.71 -15.33 -13.62
C GLU B 134 20.17 -14.45 -12.46
N ARG B 135 19.67 -14.75 -11.24
CA ARG B 135 20.08 -14.04 -10.04
C ARG B 135 21.60 -14.20 -9.89
N ALA B 136 22.08 -15.42 -10.15
CA ALA B 136 23.48 -15.77 -10.00
C ALA B 136 24.35 -14.87 -10.87
N ALA B 137 23.90 -14.65 -12.11
CA ALA B 137 24.64 -13.81 -13.04
C ALA B 137 24.80 -12.42 -12.46
N VAL B 138 23.74 -11.89 -11.85
CA VAL B 138 23.81 -10.54 -11.30
C VAL B 138 24.79 -10.55 -10.14
N GLN B 139 24.71 -11.61 -9.32
CA GLN B 139 25.58 -11.77 -8.18
C GLN B 139 27.04 -11.85 -8.63
N GLN B 140 27.31 -12.62 -9.69
CA GLN B 140 28.66 -12.85 -10.23
C GLN B 140 29.26 -11.58 -10.84
N ALA B 141 28.43 -10.79 -11.52
CA ALA B 141 28.90 -9.56 -12.13
C ALA B 141 29.30 -8.57 -11.04
N LEU B 142 28.50 -8.49 -9.98
CA LEU B 142 28.80 -7.62 -8.84
C LEU B 142 30.08 -8.09 -8.14
N LEU B 143 30.25 -9.41 -8.01
CA LEU B 143 31.40 -9.96 -7.30
C LEU B 143 32.68 -9.59 -8.06
N ALA B 144 32.65 -9.76 -9.38
CA ALA B 144 33.79 -9.50 -10.24
C ALA B 144 34.22 -8.03 -10.14
N GLU B 145 33.29 -7.10 -10.30
CA GLU B 145 33.63 -5.69 -10.36
C GLU B 145 34.11 -5.19 -8.99
N LEU B 146 33.61 -5.79 -7.91
CA LEU B 146 34.08 -5.44 -6.59
C LEU B 146 35.50 -6.01 -6.37
N GLY B 147 35.64 -7.30 -6.71
CA GLY B 147 36.85 -8.08 -6.49
C GLY B 147 36.67 -9.10 -5.36
N PRO B 148 36.81 -10.43 -5.59
CA PRO B 148 36.60 -11.44 -4.54
C PRO B 148 37.49 -11.31 -3.31
N ARG B 149 38.60 -10.56 -3.46
CA ARG B 149 39.50 -10.28 -2.35
C ARG B 149 38.77 -9.52 -1.24
N HIS B 150 37.67 -8.83 -1.58
CA HIS B 150 36.99 -8.02 -0.58
C HIS B 150 35.89 -8.81 0.12
N VAL B 151 35.82 -10.14 -0.11
CA VAL B 151 34.72 -10.95 0.38
C VAL B 151 35.25 -12.13 1.22
N ARG B 152 35.01 -12.04 2.53
CA ARG B 152 35.40 -13.05 3.48
C ARG B 152 34.32 -14.14 3.52
N LEU B 153 34.59 -15.28 2.88
CA LEU B 153 33.69 -16.42 2.91
C LEU B 153 33.82 -17.16 4.24
N GLY B 154 32.83 -18.00 4.55
CA GLY B 154 32.85 -18.82 5.76
C GLY B 154 32.59 -18.05 7.06
N ALA B 155 32.27 -16.75 6.98
CA ALA B 155 32.11 -15.94 8.18
C ALA B 155 30.62 -15.70 8.46
N ARG B 156 30.05 -16.51 9.38
CA ARG B 156 28.66 -16.40 9.78
C ARG B 156 28.51 -15.45 10.96
N CYS B 157 27.92 -14.27 10.71
CA CYS B 157 27.65 -13.30 11.76
C CYS B 157 26.58 -13.83 12.73
N THR B 158 26.83 -13.67 14.03
CA THR B 158 25.89 -14.11 15.06
C THR B 158 25.40 -12.91 15.85
N GLY B 159 25.96 -11.73 15.56
CA GLY B 159 25.41 -10.52 16.15
C GLY B 159 26.33 -9.33 15.95
N VAL B 160 25.85 -8.18 16.42
CA VAL B 160 26.58 -6.95 16.34
C VAL B 160 26.33 -6.16 17.63
N ASP B 161 27.43 -5.65 18.21
CA ASP B 161 27.35 -4.81 19.40
C ASP B 161 27.88 -3.45 18.97
N ARG B 162 27.15 -2.42 19.41
CA ARG B 162 27.57 -1.04 19.18
C ARG B 162 28.68 -0.72 20.17
N THR B 163 29.74 -0.08 19.68
CA THR B 163 30.74 0.51 20.56
C THR B 163 30.45 2.01 20.61
N ALA B 164 31.43 2.82 21.05
CA ALA B 164 31.26 4.25 21.22
C ALA B 164 31.51 4.99 19.91
N ASP B 165 32.42 4.46 19.09
CA ASP B 165 32.87 5.13 17.87
C ASP B 165 32.36 4.38 16.63
N GLY B 166 31.68 3.25 16.83
CA GLY B 166 31.33 2.34 15.75
C GLY B 166 30.64 1.07 16.27
N ALA B 167 31.12 -0.10 15.81
CA ALA B 167 30.49 -1.38 16.13
C ALA B 167 31.43 -2.55 15.88
N VAL B 168 31.11 -3.71 16.47
CA VAL B 168 31.89 -4.92 16.27
C VAL B 168 30.93 -6.07 15.97
N ILE B 169 31.31 -6.89 14.98
CA ILE B 169 30.52 -8.03 14.54
C ILE B 169 31.09 -9.30 15.18
N ARG B 170 30.22 -10.16 15.72
CA ARG B 170 30.62 -11.46 16.24
C ARG B 170 30.39 -12.52 15.16
N PHE B 171 31.26 -13.53 15.12
CA PHE B 171 31.12 -14.68 14.23
C PHE B 171 30.96 -15.96 15.05
N GLU B 172 30.48 -17.00 14.39
CA GLU B 172 30.03 -18.23 15.06
C GLU B 172 31.22 -18.95 15.68
N ASP B 173 32.35 -18.89 14.96
CA ASP B 173 33.58 -19.57 15.32
C ASP B 173 34.32 -18.80 16.42
N GLY B 174 33.71 -17.74 16.96
CA GLY B 174 34.31 -16.98 18.05
C GLY B 174 35.00 -15.69 17.58
N GLY B 175 35.15 -15.50 16.26
CA GLY B 175 35.93 -14.39 15.72
C GLY B 175 35.27 -13.03 15.94
N GLU B 176 35.99 -11.94 15.64
CA GLU B 176 35.42 -10.60 15.69
C GLU B 176 36.04 -9.70 14.64
N ALA B 177 35.26 -8.68 14.23
CA ALA B 177 35.67 -7.66 13.27
C ALA B 177 35.01 -6.35 13.65
N GLU B 178 35.84 -5.33 13.92
CA GLU B 178 35.39 -4.01 14.36
C GLU B 178 35.34 -3.11 13.13
N ALA B 179 34.59 -2.00 13.20
CA ALA B 179 34.37 -1.13 12.05
C ALA B 179 33.70 0.17 12.45
N ASP B 180 33.79 1.16 11.55
CA ASP B 180 33.30 2.50 11.80
C ASP B 180 31.84 2.57 11.38
N ALA B 181 31.43 1.63 10.52
CA ALA B 181 30.04 1.45 10.14
C ALA B 181 29.79 0.01 9.75
N VAL B 182 28.64 -0.54 10.17
CA VAL B 182 28.22 -1.89 9.79
C VAL B 182 26.88 -1.83 9.04
N VAL B 183 26.84 -2.47 7.88
CA VAL B 183 25.62 -2.59 7.10
C VAL B 183 25.14 -4.04 7.15
N GLY B 184 23.90 -4.21 7.64
CA GLY B 184 23.26 -5.52 7.64
C GLY B 184 22.53 -5.77 6.33
N ALA B 185 23.17 -6.56 5.46
CA ALA B 185 22.61 -7.01 4.21
C ALA B 185 22.51 -8.53 4.22
N ASP B 186 22.07 -9.06 5.37
CA ASP B 186 22.15 -10.49 5.64
C ASP B 186 20.79 -11.13 5.42
N GLY B 187 19.93 -10.48 4.62
CA GLY B 187 18.75 -11.16 4.09
C GLY B 187 17.55 -11.06 5.03
N ILE B 188 16.50 -11.82 4.73
CA ILE B 188 15.24 -11.64 5.44
C ILE B 188 15.37 -12.08 6.91
N HIS B 189 16.20 -13.10 7.18
CA HIS B 189 16.46 -13.56 8.54
C HIS B 189 17.76 -12.93 9.04
N SER B 190 17.78 -11.60 9.12
CA SER B 190 19.00 -10.83 9.38
C SER B 190 19.42 -11.00 10.84
N ALA B 191 20.64 -11.51 11.06
CA ALA B 191 21.24 -11.56 12.39
C ALA B 191 21.45 -10.14 12.91
N VAL B 192 21.83 -9.23 12.01
CA VAL B 192 22.08 -7.84 12.39
C VAL B 192 20.78 -7.17 12.85
N ARG B 193 19.66 -7.45 12.18
CA ARG B 193 18.40 -6.84 12.58
C ARG B 193 18.01 -7.34 13.97
N HIS B 194 18.12 -8.67 14.17
CA HIS B 194 17.83 -9.29 15.47
C HIS B 194 18.61 -8.61 16.60
N SER B 195 19.93 -8.41 16.40
CA SER B 195 20.80 -7.73 17.36
C SER B 195 20.32 -6.31 17.67
N LEU B 196 19.85 -5.56 16.67
CA LEU B 196 19.52 -4.16 16.89
C LEU B 196 18.14 -3.99 17.54
N PHE B 197 17.14 -4.76 17.11
CA PHE B 197 15.76 -4.45 17.47
C PHE B 197 15.04 -5.64 18.08
N GLY B 198 15.78 -6.73 18.31
CA GLY B 198 15.21 -7.86 19.01
C GLY B 198 14.44 -8.81 18.10
N PRO B 199 13.91 -9.91 18.69
CA PRO B 199 13.27 -10.96 17.89
C PRO B 199 12.05 -10.37 17.20
N GLN B 200 11.78 -10.82 15.98
CA GLN B 200 10.66 -10.36 15.19
C GLN B 200 10.33 -11.45 14.18
N GLU B 201 9.05 -11.84 14.15
CA GLU B 201 8.64 -12.96 13.33
C GLU B 201 8.43 -12.41 11.92
N ALA B 202 8.97 -13.15 10.94
CA ALA B 202 8.60 -12.98 9.55
C ALA B 202 7.11 -13.34 9.38
N VAL B 203 6.46 -12.72 8.39
CA VAL B 203 5.04 -12.91 8.15
C VAL B 203 4.86 -13.90 7.01
N PHE B 204 4.25 -15.06 7.30
CA PHE B 204 3.95 -16.08 6.31
C PHE B 204 2.74 -15.65 5.45
N SER B 205 2.88 -15.78 4.13
CA SER B 205 1.83 -15.43 3.18
C SER B 205 0.77 -16.52 3.09
N GLY B 206 1.09 -17.74 3.53
CA GLY B 206 0.18 -18.83 3.27
C GLY B 206 0.34 -19.40 1.87
N THR B 207 1.45 -19.06 1.19
CA THR B 207 1.72 -19.56 -0.15
C THR B 207 3.18 -19.98 -0.26
N SER B 208 3.44 -20.85 -1.23
CA SER B 208 4.78 -21.31 -1.59
C SER B 208 5.07 -20.90 -3.03
N GLY B 209 6.33 -20.59 -3.31
CA GLY B 209 6.79 -20.48 -4.68
C GLY B 209 7.59 -21.72 -5.12
N TYR B 210 7.16 -22.38 -6.19
CA TYR B 210 8.00 -23.35 -6.84
C TYR B 210 8.73 -22.63 -7.97
N ARG B 211 10.03 -22.85 -8.08
CA ARG B 211 10.88 -22.09 -8.99
C ARG B 211 11.82 -23.08 -9.69
N ALA B 212 12.11 -22.83 -10.97
CA ALA B 212 12.95 -23.71 -11.77
C ALA B 212 13.39 -23.01 -13.05
N LEU B 213 14.60 -23.35 -13.53
CA LEU B 213 15.00 -23.07 -14.90
C LEU B 213 14.85 -24.35 -15.73
N VAL B 214 14.05 -24.28 -16.79
CA VAL B 214 13.79 -25.40 -17.68
C VAL B 214 14.60 -25.15 -18.96
N PRO B 215 15.45 -26.10 -19.41
CA PRO B 215 16.14 -25.95 -20.69
C PRO B 215 15.13 -25.89 -21.83
N MET B 216 15.37 -24.98 -22.78
CA MET B 216 14.40 -24.68 -23.82
C MET B 216 14.20 -25.88 -24.75
N ASP B 217 15.15 -26.81 -24.77
CA ASP B 217 15.10 -27.98 -25.65
C ASP B 217 14.12 -29.01 -25.09
N ARG B 218 13.70 -28.85 -23.83
CA ARG B 218 12.63 -29.67 -23.29
C ARG B 218 11.25 -29.09 -23.61
N LEU B 219 11.19 -27.94 -24.32
CA LEU B 219 9.95 -27.21 -24.53
C LEU B 219 9.76 -26.85 -25.99
N ARG B 220 10.26 -27.70 -26.91
CA ARG B 220 10.13 -27.42 -28.33
C ARG B 220 8.66 -27.58 -28.74
N HIS B 221 7.92 -28.36 -27.95
CA HIS B 221 6.52 -28.65 -28.24
C HIS B 221 5.59 -27.49 -27.90
N VAL B 222 6.12 -26.43 -27.28
CA VAL B 222 5.31 -25.27 -26.92
C VAL B 222 5.74 -24.11 -27.82
N PRO B 223 5.08 -23.89 -28.98
CA PRO B 223 5.56 -22.92 -29.97
C PRO B 223 5.45 -21.45 -29.58
N GLU B 224 4.69 -21.12 -28.53
CA GLU B 224 4.55 -19.72 -28.11
C GLU B 224 5.87 -19.25 -27.51
N LEU B 225 6.64 -20.19 -26.94
CA LEU B 225 7.91 -19.86 -26.29
C LEU B 225 9.00 -19.49 -27.28
N ALA B 226 8.70 -19.46 -28.58
CA ALA B 226 9.67 -19.04 -29.59
C ALA B 226 9.97 -17.56 -29.46
N GLU B 227 8.95 -16.74 -29.13
CA GLU B 227 9.12 -15.34 -28.78
C GLU B 227 9.43 -15.21 -27.29
N PRO B 228 10.39 -14.35 -26.88
CA PRO B 228 10.62 -14.05 -25.47
C PRO B 228 9.57 -13.11 -24.89
N VAL B 229 8.86 -13.64 -23.89
CA VAL B 229 7.69 -12.99 -23.33
C VAL B 229 7.79 -13.10 -21.81
N LEU B 230 7.33 -12.05 -21.11
CA LEU B 230 7.01 -12.14 -19.69
C LEU B 230 5.56 -12.62 -19.54
N TRP B 231 5.39 -13.89 -19.17
CA TRP B 231 4.08 -14.51 -19.02
C TRP B 231 3.58 -14.39 -17.59
N LEU B 232 2.35 -13.88 -17.42
CA LEU B 232 1.68 -13.85 -16.14
C LEU B 232 0.32 -14.52 -16.26
N TRP B 233 0.22 -15.77 -15.80
CA TRP B 233 -1.01 -16.55 -15.86
C TRP B 233 -1.75 -16.44 -14.53
N LEU B 234 -2.94 -15.84 -14.56
CA LEU B 234 -3.67 -15.50 -13.36
C LEU B 234 -4.91 -16.38 -13.26
N GLY B 235 -5.14 -16.94 -12.08
CA GLY B 235 -6.28 -17.82 -11.91
C GLY B 235 -6.65 -17.96 -10.43
N PRO B 236 -7.61 -18.86 -10.13
CA PRO B 236 -8.17 -18.94 -8.78
C PRO B 236 -7.17 -19.60 -7.83
N GLY B 237 -6.74 -18.82 -6.82
CA GLY B 237 -6.05 -19.36 -5.66
C GLY B 237 -4.54 -19.42 -5.81
N ARG B 238 -4.06 -19.16 -7.02
CA ARG B 238 -2.68 -19.44 -7.38
C ARG B 238 -2.36 -18.71 -8.67
N HIS B 239 -1.07 -18.57 -8.96
CA HIS B 239 -0.68 -17.95 -10.22
C HIS B 239 0.63 -18.53 -10.70
N PHE B 240 1.01 -18.14 -11.93
CA PHE B 240 2.13 -18.76 -12.60
C PHE B 240 2.82 -17.73 -13.51
N ILE B 241 4.09 -17.47 -13.22
CA ILE B 241 4.89 -16.52 -13.97
C ILE B 241 6.01 -17.27 -14.68
N ALA B 242 6.31 -16.88 -15.92
CA ALA B 242 7.40 -17.50 -16.66
C ALA B 242 8.07 -16.46 -17.54
N TYR B 243 9.38 -16.61 -17.74
CA TYR B 243 10.11 -15.74 -18.63
C TYR B 243 11.45 -16.37 -18.99
N PRO B 244 12.07 -15.96 -20.13
CA PRO B 244 13.39 -16.44 -20.49
C PRO B 244 14.50 -15.81 -19.66
N VAL B 245 15.58 -16.58 -19.49
CA VAL B 245 16.86 -16.08 -19.01
C VAL B 245 17.96 -16.70 -19.87
N ALA B 246 19.22 -16.38 -19.53
CA ALA B 246 20.40 -16.94 -20.17
C ALA B 246 20.25 -16.81 -21.68
N ASP B 247 19.93 -15.59 -22.12
CA ASP B 247 19.85 -15.26 -23.53
C ASP B 247 18.90 -16.23 -24.25
N GLY B 248 17.82 -16.65 -23.60
CA GLY B 248 16.73 -17.36 -24.25
C GLY B 248 16.92 -18.88 -24.28
N SER B 249 17.94 -19.40 -23.59
CA SER B 249 18.31 -20.81 -23.63
C SER B 249 17.58 -21.60 -22.53
N ALA B 250 17.12 -20.89 -21.49
CA ALA B 250 16.32 -21.50 -20.45
C ALA B 250 15.10 -20.63 -20.17
N LEU B 251 14.04 -21.27 -19.67
CA LEU B 251 12.84 -20.57 -19.21
C LEU B 251 12.72 -20.67 -17.69
N ASN B 252 12.68 -19.52 -17.02
CA ASN B 252 12.39 -19.47 -15.61
C ASN B 252 10.88 -19.61 -15.43
N PHE B 253 10.48 -20.31 -14.38
CA PHE B 253 9.09 -20.24 -13.96
C PHE B 253 9.01 -20.11 -12.45
N LEU B 254 7.95 -19.41 -12.00
CA LEU B 254 7.60 -19.29 -10.61
C LEU B 254 6.12 -19.62 -10.48
N ALA B 255 5.80 -20.67 -9.72
CA ALA B 255 4.42 -21.05 -9.51
C ALA B 255 4.08 -20.85 -8.04
N VAL B 256 3.10 -19.98 -7.80
CA VAL B 256 2.73 -19.59 -6.45
C VAL B 256 1.41 -20.29 -6.13
N VAL B 257 1.39 -21.05 -5.00
CA VAL B 257 0.26 -21.93 -4.70
C VAL B 257 -0.07 -21.82 -3.22
N PRO B 258 -1.31 -22.18 -2.80
CA PRO B 258 -1.63 -22.29 -1.38
C PRO B 258 -0.73 -23.36 -0.75
N ASP B 259 -0.26 -23.12 0.47
CA ASP B 259 0.57 -24.09 1.17
C ASP B 259 0.54 -23.85 2.67
N ARG B 260 0.90 -24.88 3.44
CA ARG B 260 1.03 -24.79 4.89
C ARG B 260 2.52 -24.63 5.22
N THR B 261 2.85 -24.53 6.53
CA THR B 261 4.22 -24.36 7.01
C THR B 261 4.85 -23.09 6.42
N GLY B 271 10.82 -29.49 -3.08
CA GLY B 271 9.41 -29.91 -2.95
C GLY B 271 8.93 -30.73 -4.15
N ASP B 272 7.81 -31.44 -3.96
CA ASP B 272 7.40 -32.54 -4.80
C ASP B 272 6.73 -32.03 -6.09
N ALA B 273 7.20 -32.53 -7.24
CA ALA B 273 6.66 -32.16 -8.54
C ALA B 273 5.22 -32.58 -8.70
N ALA B 274 4.83 -33.70 -8.05
CA ALA B 274 3.49 -34.25 -8.24
C ALA B 274 2.43 -33.33 -7.62
N GLU B 275 2.77 -32.70 -6.49
CA GLU B 275 1.81 -31.85 -5.80
C GLU B 275 1.64 -30.54 -6.56
N LEU B 276 2.76 -30.06 -7.13
CA LEU B 276 2.77 -28.87 -7.95
C LEU B 276 1.94 -29.06 -9.21
N ARG B 277 2.19 -30.16 -9.96
CA ARG B 277 1.45 -30.43 -11.18
C ARG B 277 -0.05 -30.49 -10.92
N ALA B 278 -0.40 -31.11 -9.78
CA ALA B 278 -1.79 -31.32 -9.38
C ALA B 278 -2.48 -29.99 -9.05
N ALA B 279 -1.75 -29.08 -8.40
CA ALA B 279 -2.31 -27.80 -8.01
C ALA B 279 -2.73 -26.98 -9.23
N PHE B 280 -2.18 -27.33 -10.42
CA PHE B 280 -2.54 -26.67 -11.67
C PHE B 280 -3.34 -27.60 -12.60
N ASP B 281 -4.09 -28.54 -12.02
CA ASP B 281 -5.02 -29.34 -12.80
C ASP B 281 -6.11 -28.44 -13.39
N GLY B 282 -6.35 -28.61 -14.70
CA GLY B 282 -7.43 -27.92 -15.38
C GLY B 282 -6.96 -26.64 -16.08
N TRP B 283 -5.76 -26.16 -15.73
CA TRP B 283 -5.16 -25.00 -16.37
C TRP B 283 -4.74 -25.32 -17.80
N HIS B 284 -4.45 -24.27 -18.57
CA HIS B 284 -4.14 -24.38 -19.98
C HIS B 284 -2.86 -25.19 -20.18
N PRO B 285 -2.78 -25.97 -21.28
CA PRO B 285 -1.62 -26.80 -21.59
C PRO B 285 -0.26 -26.16 -21.37
N PHE B 286 -0.14 -24.87 -21.73
CA PHE B 286 1.10 -24.12 -21.61
C PHE B 286 1.65 -24.17 -20.19
N VAL B 287 0.78 -24.00 -19.20
CA VAL B 287 1.21 -24.10 -17.81
C VAL B 287 1.56 -25.57 -17.49
N THR B 288 0.66 -26.52 -17.84
CA THR B 288 0.90 -27.90 -17.44
C THR B 288 2.12 -28.50 -18.15
N GLU B 289 2.37 -28.11 -19.41
CA GLU B 289 3.52 -28.61 -20.15
C GLU B 289 4.81 -28.06 -19.54
N VAL B 290 4.86 -26.76 -19.23
CA VAL B 290 6.07 -26.19 -18.65
C VAL B 290 6.34 -26.84 -17.29
N LEU B 291 5.31 -27.04 -16.46
CA LEU B 291 5.50 -27.69 -15.16
C LEU B 291 5.98 -29.14 -15.32
N GLY B 292 5.45 -29.83 -16.33
CA GLY B 292 5.77 -31.23 -16.58
C GLY B 292 7.17 -31.45 -17.17
N ALA B 293 7.93 -30.36 -17.39
CA ALA B 293 9.28 -30.45 -17.92
C ALA B 293 10.36 -30.18 -16.86
N CYS B 294 10.04 -30.34 -15.57
CA CYS B 294 11.06 -30.23 -14.53
C CYS B 294 10.69 -31.19 -13.41
N GLU B 295 11.56 -32.16 -13.15
CA GLU B 295 11.23 -33.27 -12.27
C GLU B 295 11.47 -32.85 -10.82
N ARG B 296 12.37 -31.88 -10.58
CA ARG B 296 12.70 -31.49 -9.22
C ARG B 296 12.75 -29.96 -9.13
N PRO B 297 11.57 -29.29 -9.11
CA PRO B 297 11.54 -27.84 -8.91
C PRO B 297 11.76 -27.52 -7.44
N GLY B 298 12.37 -26.36 -7.16
CA GLY B 298 12.61 -25.86 -5.81
C GLY B 298 11.38 -25.18 -5.21
N ARG B 299 11.16 -25.36 -3.90
CA ARG B 299 9.97 -24.90 -3.20
C ARG B 299 10.39 -23.93 -2.10
N TRP B 300 9.81 -22.73 -2.05
CA TRP B 300 10.21 -21.71 -1.10
C TRP B 300 8.97 -21.05 -0.50
N ALA B 301 8.82 -21.22 0.82
CA ALA B 301 7.74 -20.60 1.56
C ALA B 301 7.91 -19.10 1.43
N LEU B 302 6.82 -18.38 1.12
CA LEU B 302 6.93 -16.97 0.84
C LEU B 302 6.59 -16.16 2.11
N TYR B 303 7.59 -15.44 2.60
CA TYR B 303 7.47 -14.58 3.76
C TYR B 303 7.81 -13.15 3.36
N ASP B 304 7.32 -12.19 4.13
CA ASP B 304 7.83 -10.84 4.10
C ASP B 304 7.90 -10.33 5.56
N ARG B 305 8.06 -9.01 5.74
CA ARG B 305 7.96 -8.38 7.06
C ARG B 305 7.13 -7.11 6.98
N GLU B 306 6.43 -6.82 8.09
CA GLU B 306 5.81 -5.52 8.27
C GLU B 306 6.86 -4.45 8.06
N PRO B 307 6.47 -3.29 7.48
CA PRO B 307 7.36 -2.15 7.39
C PRO B 307 7.89 -1.78 8.77
N GLN B 308 9.17 -1.43 8.85
CA GLN B 308 9.77 -0.99 10.10
C GLN B 308 9.93 0.53 10.12
N ARG B 309 9.58 1.16 11.24
CA ARG B 309 9.79 2.58 11.44
C ARG B 309 11.28 2.89 11.48
N VAL B 310 12.11 1.94 11.97
CA VAL B 310 13.53 2.19 12.18
C VAL B 310 14.40 1.06 11.60
N TRP B 311 15.43 1.47 10.84
CA TRP B 311 16.45 0.59 10.28
C TRP B 311 17.82 0.77 10.95
N SER B 312 18.06 1.96 11.52
CA SER B 312 19.41 2.39 11.86
C SER B 312 19.55 2.61 13.36
N SER B 313 20.73 2.27 13.88
CA SER B 313 21.07 2.43 15.28
C SER B 313 22.55 2.75 15.36
N GLY B 314 22.86 3.96 15.83
CA GLY B 314 24.24 4.41 15.83
C GLY B 314 24.89 4.20 14.45
N ALA B 315 25.94 3.39 14.41
CA ALA B 315 26.70 3.22 13.19
C ALA B 315 26.31 1.93 12.47
N VAL B 316 25.15 1.36 12.84
CA VAL B 316 24.64 0.17 12.17
C VAL B 316 23.33 0.50 11.47
N THR B 317 23.18 -0.05 10.26
CA THR B 317 21.95 0.08 9.50
C THR B 317 21.69 -1.22 8.75
N LEU B 318 20.53 -1.27 8.09
CA LEU B 318 20.13 -2.44 7.32
C LEU B 318 19.93 -2.05 5.86
N LEU B 319 20.06 -3.07 5.00
CA LEU B 319 19.86 -2.91 3.56
C LEU B 319 19.26 -4.19 2.96
N GLY B 320 18.51 -4.02 1.87
CA GLY B 320 17.97 -5.15 1.12
C GLY B 320 16.83 -5.83 1.86
N ASP B 321 16.81 -7.15 1.78
CA ASP B 321 15.75 -7.95 2.39
C ASP B 321 15.75 -7.80 3.91
N ALA B 322 16.91 -7.50 4.49
CA ALA B 322 17.05 -7.30 5.93
C ALA B 322 16.28 -6.07 6.43
N ALA B 323 16.10 -5.09 5.53
CA ALA B 323 15.44 -3.84 5.87
C ALA B 323 13.96 -3.81 5.49
N HIS B 324 13.56 -4.48 4.41
CA HIS B 324 12.24 -4.24 3.83
C HIS B 324 11.80 -5.41 2.96
N ALA B 325 11.78 -6.62 3.51
CA ALA B 325 11.50 -7.79 2.71
C ALA B 325 10.06 -7.72 2.20
N MET B 326 9.87 -8.03 0.92
CA MET B 326 8.55 -8.02 0.32
C MET B 326 8.30 -9.34 -0.37
N LEU B 327 7.02 -9.67 -0.56
CA LEU B 327 6.72 -10.81 -1.41
C LEU B 327 7.15 -10.51 -2.85
N PRO B 328 7.42 -11.55 -3.66
CA PRO B 328 7.97 -11.38 -5.01
C PRO B 328 7.01 -10.92 -6.11
N HIS B 329 5.91 -10.25 -5.77
CA HIS B 329 4.85 -10.05 -6.73
C HIS B 329 4.95 -8.70 -7.46
N HIS B 330 6.00 -7.88 -7.23
CA HIS B 330 6.32 -6.75 -8.08
C HIS B 330 7.58 -7.00 -8.94
N GLY B 331 8.27 -8.12 -8.71
CA GLY B 331 9.57 -8.33 -9.30
C GLY B 331 10.57 -7.21 -8.99
N GLN B 332 10.68 -6.81 -7.70
CA GLN B 332 11.41 -5.59 -7.34
C GLN B 332 12.38 -5.72 -6.15
N GLY B 333 12.40 -6.85 -5.44
CA GLY B 333 13.23 -6.99 -4.25
C GLY B 333 14.72 -6.70 -4.53
N ALA B 334 15.27 -7.41 -5.53
CA ALA B 334 16.63 -7.15 -6.00
C ALA B 334 16.80 -5.71 -6.51
N ASN B 335 15.80 -5.24 -7.25
CA ASN B 335 15.84 -3.87 -7.77
C ASN B 335 16.03 -2.90 -6.60
N GLN B 336 15.23 -3.08 -5.55
CA GLN B 336 15.23 -2.18 -4.39
C GLN B 336 16.53 -2.30 -3.59
N ALA B 337 17.14 -3.49 -3.56
CA ALA B 337 18.42 -3.63 -2.88
C ALA B 337 19.47 -2.78 -3.59
N LEU B 338 19.39 -2.77 -4.93
CA LEU B 338 20.32 -2.00 -5.74
C LEU B 338 20.14 -0.51 -5.49
N GLU B 339 18.89 -0.05 -5.43
CA GLU B 339 18.61 1.34 -5.11
C GLU B 339 19.17 1.67 -3.71
N ASP B 340 18.96 0.76 -2.73
CA ASP B 340 19.49 0.93 -1.38
C ASP B 340 21.00 1.17 -1.44
N ALA B 341 21.68 0.29 -2.19
CA ALA B 341 23.12 0.30 -2.29
C ALA B 341 23.64 1.63 -2.81
N VAL B 342 23.12 2.08 -3.95
CA VAL B 342 23.51 3.35 -4.53
C VAL B 342 23.33 4.46 -3.48
N VAL B 343 22.14 4.52 -2.86
CA VAL B 343 21.82 5.64 -1.99
C VAL B 343 22.70 5.64 -0.75
N LEU B 344 22.96 4.45 -0.20
CA LEU B 344 23.66 4.37 1.07
C LEU B 344 25.15 4.68 0.85
N ALA B 345 25.71 4.18 -0.25
CA ALA B 345 27.09 4.46 -0.63
C ALA B 345 27.30 5.98 -0.82
N HIS B 346 26.33 6.65 -1.47
CA HIS B 346 26.38 8.09 -1.62
C HIS B 346 26.57 8.79 -0.26
N PHE B 347 25.72 8.49 0.72
CA PHE B 347 25.76 9.21 1.98
C PHE B 347 26.99 8.84 2.80
N LEU B 348 27.45 7.58 2.72
CA LEU B 348 28.57 7.15 3.54
C LEU B 348 29.87 7.68 2.97
N ALA B 349 29.91 7.91 1.64
CA ALA B 349 31.11 8.43 1.01
C ALA B 349 31.34 9.91 1.35
N ARG B 350 30.35 10.58 1.95
CA ARG B 350 30.38 12.04 2.10
C ARG B 350 30.35 12.42 3.57
N THR B 351 30.92 11.59 4.44
CA THR B 351 30.88 11.90 5.85
C THR B 351 32.18 11.43 6.51
N ASP B 352 32.38 11.95 7.74
CA ASP B 352 33.44 11.52 8.65
C ASP B 352 32.83 10.57 9.68
N THR B 353 33.70 9.96 10.50
CA THR B 353 33.28 8.96 11.49
C THR B 353 32.16 9.50 12.38
N GLY B 354 32.21 10.78 12.72
CA GLY B 354 31.23 11.37 13.61
C GLY B 354 29.89 11.62 12.92
N GLY B 355 29.91 11.71 11.58
CA GLY B 355 28.70 11.92 10.81
C GLY B 355 28.03 10.62 10.34
N VAL B 356 28.55 9.45 10.75
CA VAL B 356 28.04 8.17 10.27
C VAL B 356 26.57 7.98 10.69
N PRO B 357 26.20 8.05 11.98
CA PRO B 357 24.80 7.97 12.37
C PRO B 357 23.85 8.87 11.58
N SER B 358 24.24 10.13 11.37
CA SER B 358 23.39 11.03 10.61
C SER B 358 23.27 10.58 9.15
N ALA B 359 24.33 10.00 8.58
CA ALA B 359 24.34 9.57 7.18
C ALA B 359 23.42 8.37 6.98
N LEU B 360 23.44 7.45 7.96
CA LEU B 360 22.59 6.28 7.91
C LEU B 360 21.12 6.71 8.05
N ARG B 361 20.84 7.72 8.87
CA ARG B 361 19.47 8.20 9.03
C ARG B 361 18.99 8.90 7.75
N ALA B 362 19.88 9.55 7.01
CA ALA B 362 19.46 10.25 5.79
C ALA B 362 19.12 9.23 4.70
N TYR B 363 19.94 8.17 4.59
CA TYR B 363 19.67 7.03 3.74
C TYR B 363 18.29 6.44 4.03
N GLU B 364 18.04 6.15 5.30
CA GLU B 364 16.82 5.48 5.73
C GLU B 364 15.62 6.37 5.43
N ARG B 365 15.77 7.69 5.65
CA ARG B 365 14.65 8.61 5.56
C ARG B 365 14.21 8.72 4.10
N LEU B 366 15.16 8.53 3.19
CA LEU B 366 14.90 8.60 1.76
C LEU B 366 14.33 7.27 1.25
N ARG B 367 14.81 6.14 1.81
CA ARG B 367 14.50 4.83 1.26
C ARG B 367 13.23 4.20 1.85
N ARG B 368 12.92 4.49 3.12
CA ARG B 368 11.86 3.77 3.82
C ARG B 368 10.51 3.95 3.12
N PRO B 369 10.02 5.20 2.90
CA PRO B 369 8.70 5.41 2.31
C PRO B 369 8.45 4.68 0.99
N ARG B 370 9.47 4.65 0.11
CA ARG B 370 9.38 3.96 -1.16
C ARG B 370 9.20 2.46 -0.92
N THR B 371 10.10 1.86 -0.14
CA THR B 371 10.09 0.42 0.07
C THR B 371 8.79 0.00 0.77
N ARG B 372 8.27 0.86 1.66
CA ARG B 372 7.02 0.59 2.36
C ARG B 372 5.87 0.43 1.36
N LEU B 373 5.75 1.37 0.41
CA LEU B 373 4.72 1.29 -0.64
C LEU B 373 4.89 0.04 -1.51
N LEU B 374 6.13 -0.37 -1.77
CA LEU B 374 6.34 -1.57 -2.54
C LEU B 374 5.93 -2.81 -1.76
N GLN B 375 6.20 -2.81 -0.45
CA GLN B 375 5.81 -3.90 0.43
C GLN B 375 4.29 -4.09 0.35
N ALA B 376 3.57 -2.96 0.44
CA ALA B 376 2.12 -2.96 0.43
C ALA B 376 1.63 -3.45 -0.92
N GLY B 377 2.25 -2.95 -2.00
CA GLY B 377 1.90 -3.30 -3.36
C GLY B 377 2.06 -4.79 -3.66
N SER B 378 3.18 -5.38 -3.19
CA SER B 378 3.47 -6.77 -3.46
C SER B 378 2.44 -7.67 -2.78
N ARG B 379 1.96 -7.26 -1.59
CA ARG B 379 0.91 -7.99 -0.93
C ARG B 379 -0.40 -7.87 -1.69
N LYS B 380 -0.78 -6.63 -2.05
CA LYS B 380 -1.96 -6.36 -2.86
C LYS B 380 -1.95 -7.31 -4.05
N ASN B 381 -0.82 -7.41 -4.78
CA ASN B 381 -0.78 -8.18 -6.01
C ASN B 381 -0.98 -9.68 -5.78
N ALA B 382 -0.54 -10.21 -4.63
CA ALA B 382 -0.78 -11.62 -4.29
C ALA B 382 -2.27 -11.92 -4.43
N GLY B 383 -3.11 -11.11 -3.76
CA GLY B 383 -4.55 -11.18 -3.93
C GLY B 383 -4.99 -11.04 -5.39
N CYS B 384 -4.52 -10.00 -6.07
CA CYS B 384 -5.03 -9.64 -7.38
C CYS B 384 -4.74 -10.76 -8.36
N PHE B 385 -3.58 -11.41 -8.24
CA PHE B 385 -3.20 -12.39 -9.23
C PHE B 385 -4.02 -13.68 -9.07
N GLN B 386 -4.71 -13.83 -7.92
CA GLN B 386 -5.31 -15.09 -7.50
C GLN B 386 -6.84 -15.01 -7.36
N LEU B 387 -7.45 -13.97 -7.94
CA LEU B 387 -8.90 -13.85 -7.91
C LEU B 387 -9.54 -14.98 -8.71
N PRO B 388 -10.74 -15.44 -8.28
CA PRO B 388 -11.57 -16.30 -9.11
C PRO B 388 -12.17 -15.48 -10.25
N ASP B 389 -12.69 -16.15 -11.27
CA ASP B 389 -13.38 -15.47 -12.35
C ASP B 389 -14.62 -14.75 -11.78
N GLY B 390 -14.87 -13.54 -12.25
CA GLY B 390 -15.96 -12.76 -11.70
C GLY B 390 -15.68 -11.27 -11.90
N PRO B 391 -16.61 -10.43 -11.40
CA PRO B 391 -16.47 -8.97 -11.49
C PRO B 391 -15.13 -8.42 -11.00
N GLN B 392 -14.64 -8.89 -9.85
CA GLN B 392 -13.40 -8.39 -9.27
C GLN B 392 -12.26 -8.63 -10.26
N ALA B 393 -12.23 -9.83 -10.85
CA ALA B 393 -11.20 -10.16 -11.84
C ALA B 393 -11.33 -9.31 -13.10
N GLU B 394 -12.56 -8.98 -13.51
CA GLU B 394 -12.76 -8.14 -14.68
C GLU B 394 -12.26 -6.73 -14.38
N ALA B 395 -12.51 -6.27 -13.16
CA ALA B 395 -12.07 -4.96 -12.73
C ALA B 395 -10.55 -4.94 -12.63
N ARG B 396 -9.97 -6.03 -12.10
CA ARG B 396 -8.53 -6.13 -12.11
C ARG B 396 -8.00 -5.94 -13.52
N ASN B 397 -8.53 -6.70 -14.48
CA ASN B 397 -8.06 -6.67 -15.86
C ASN B 397 -8.16 -5.26 -16.46
N ALA B 398 -9.21 -4.50 -16.12
CA ALA B 398 -9.35 -3.13 -16.57
C ALA B 398 -8.23 -2.23 -16.01
N ARG B 399 -7.94 -2.31 -14.72
CA ARG B 399 -6.87 -1.53 -14.11
C ARG B 399 -5.51 -1.96 -14.70
N LEU B 400 -5.38 -3.21 -15.20
CA LEU B 400 -4.16 -3.68 -15.86
C LEU B 400 -3.90 -2.95 -17.19
N ALA B 401 -4.97 -2.52 -17.87
CA ALA B 401 -4.86 -1.77 -19.12
C ALA B 401 -4.06 -0.48 -18.93
N THR B 402 -4.13 0.12 -17.74
CA THR B 402 -3.47 1.39 -17.45
C THR B 402 -2.17 1.17 -16.65
N LEU B 403 -1.56 -0.01 -16.77
CA LEU B 403 -0.46 -0.38 -15.91
C LEU B 403 0.75 0.53 -16.14
N PRO B 404 1.13 0.87 -17.40
CA PRO B 404 2.30 1.72 -17.63
C PRO B 404 2.26 3.03 -16.84
N ASP B 405 1.09 3.68 -16.75
CA ASP B 405 0.94 4.86 -15.92
C ASP B 405 1.02 4.50 -14.43
N ASP B 406 0.31 3.43 -14.04
CA ASP B 406 0.07 3.14 -12.64
C ASP B 406 1.34 2.65 -11.92
N VAL B 407 2.33 2.10 -12.64
CA VAL B 407 3.57 1.63 -12.03
C VAL B 407 4.76 2.48 -12.48
N ALA B 408 4.49 3.67 -13.04
CA ALA B 408 5.58 4.51 -13.51
C ALA B 408 6.47 4.96 -12.33
N TRP B 409 5.82 5.18 -11.18
CA TRP B 409 6.51 5.56 -9.95
C TRP B 409 7.55 4.51 -9.54
N ILE B 410 7.38 3.25 -9.94
CA ILE B 410 8.37 2.21 -9.67
C ILE B 410 9.44 2.26 -10.75
N HIS B 411 9.04 1.90 -11.98
CA HIS B 411 9.97 1.62 -13.06
C HIS B 411 10.68 2.87 -13.55
N GLY B 412 10.00 4.02 -13.42
CA GLY B 412 10.55 5.28 -13.90
C GLY B 412 11.37 6.04 -12.86
N HIS B 413 11.55 5.48 -11.65
CA HIS B 413 12.23 6.19 -10.57
C HIS B 413 13.70 6.36 -10.94
N ASP B 414 14.18 7.60 -10.77
CA ASP B 414 15.58 7.96 -11.00
C ASP B 414 16.26 8.08 -9.65
N ILE B 415 17.13 7.12 -9.36
CA ILE B 415 17.65 6.97 -8.02
C ILE B 415 18.62 8.12 -7.72
N LEU B 416 19.49 8.44 -8.69
CA LEU B 416 20.47 9.52 -8.57
C LEU B 416 19.76 10.87 -8.37
N GLY B 417 18.71 11.13 -9.14
CA GLY B 417 17.97 12.38 -9.05
C GLY B 417 17.14 12.50 -7.78
N SER B 418 17.00 11.40 -7.02
CA SER B 418 16.28 11.45 -5.75
C SER B 418 17.15 12.04 -4.65
N LEU B 419 18.48 12.20 -4.90
CA LEU B 419 19.45 12.63 -3.89
C LEU B 419 19.34 14.12 -3.62
N PRO B 420 20.27 14.79 -2.88
CA PRO B 420 19.96 16.06 -2.21
C PRO B 420 19.82 17.30 -3.13
#